data_6TA4
#
_entry.id   6TA4
#
loop_
_entity.id
_entity.type
_entity.pdbx_description
1 polymer 'Tubulin beta chain'
2 polymer 'Tubulin alpha-1B chain'
3 polymer 'Kinesin-like protein KIF11'
4 non-polymer 'PHOSPHOMETHYLPHOSPHONIC ACID GUANYLATE ESTER'
5 non-polymer 'MAGNESIUM ION'
6 non-polymer "GUANOSINE-5'-TRIPHOSPHATE"
7 non-polymer 'PHOSPHOAMINOPHOSPHONIC ACID-ADENYLATE ESTER'
#
loop_
_entity_poly.entity_id
_entity_poly.type
_entity_poly.pdbx_seq_one_letter_code
_entity_poly.pdbx_strand_id
1 'polypeptide(L)'
;MREIVHIQAGQCGNQIGAKFWEVISDEHGIDPTGSYHGDSDLQLERINVYYNEAAGNKYVPRAILVDLEPGTMDSVRSGP
FGQIFRPDNFVFGQSGAGNNWAKGHYTEGAELVDSVLDVVRKESESCDCLQGFQLTHSLGGGTGSGMGTLLISKIREEYP
DRIMNTFSVVPSPKVSDTVVEPYNATLSVHQLVENTDETYCIDNEALYDICFRTLKLTTPTYGDLNHLVSATMSGVTTCL
RFPGQLNADLRKLAVNMVPFPRLHFFMPGFAPLTSRGSQQYRALTVPELTQQMFDAKNMMAACDPRHGRYLTVAAVFRGR
MSMKEVDEQMLNVQNKNSSYFVEWIPNNVKTAVCDIPPRGLKMSATFIGNSTAIQELFKRISEQFTAMFRRKAFLHWYTG
EGMDEMEFTEAESNMNDLVSEYQQYQDAT
;
B
2 'polypeptide(L)'
;MRECISIHVGQAGVQIGNACWELYCLEHGIQPDGQMPSDKTIGGGDDSFNTFFSETGAGKHVPRAVFVDLEPTVIDEVRT
GTYRQLFHPEQLITGKEDAANNYARGHYTIGKEIIDLVLDRIRKLADQCTGLQGFLVFHSFGGGTGSGFTSLLMERLSVD
YGKKSKLEFSIYPAPQVSTAVVEPYNSILTTHTTLEHSDCAFMVDNEAIYDICRRNLDIERPTYTNLNRLISQIVSSITA
SLRFDGALNVDLTEFQTNLVPYPRIHFPLATYAPVISAEKAYHEQLSVAEITNACFEPANQMVKCDPRHGKYMACCLLYR
GDVVPKDVNAAIATIKTKRSIQFVDWCPTGFKVGINYQPPTVVPGGDLAKVQRAVCMLSNTTAIAEAWARLDHKFDLMYA
KRAFVHWYVGEGMEEGEFSEAREDMAALEKDYEEVGVD
;
A
3 'polypeptide(L)'
;MHHHHHHSSGVDLGTENLYFQSMASQPNSSAKKKEEKGKNIQVVVRCRPFNLAERKASAHSIVECDPVRKEVSVRTGGLA
DKSSRKTYTFDMVFGASTKQIDVYRSVVCPILDEVIMGYNCTIFAYGQTGTGKTFTMEGERSPNEEYTWEEDPLAGIIPR
TLHQIFEKLTDNGTEFSVKVSLLEIYNEELFDLLNPSSDVSERLQMFDDPRNKRGVIIKGLEEITVHNKDEVYQILEKGA
AKRTTAATLMNAYSSRSHSVFSVTIHMKETTIDGEELVKIGKLNLVDLAGSENIGRSGAVDKRAREAGNINQSLLTLGRV
ITALVERTPHVPYRESKLTRILQDSLGGRTRTSIIATISPASLNLEETLSTLEYAHRAKNILNKPEVNQKL
;
K
#
loop_
_chem_comp.id
_chem_comp.type
_chem_comp.name
_chem_comp.formula
ANP non-polymer 'PHOSPHOAMINOPHOSPHONIC ACID-ADENYLATE ESTER' 'C10 H17 N6 O12 P3'
G2P non-polymer 'PHOSPHOMETHYLPHOSPHONIC ACID GUANYLATE ESTER' 'C11 H18 N5 O13 P3'
GTP non-polymer GUANOSINE-5'-TRIPHOSPHATE 'C10 H16 N5 O14 P3'
MG non-polymer 'MAGNESIUM ION' 'Mg 2'
#
# COMPACT_ATOMS: atom_id res chain seq x y z
N MET A 1 20.13 1.04 6.22
CA MET A 1 20.85 0.53 5.03
C MET A 1 19.92 0.36 3.88
N ARG A 2 19.61 -0.90 3.55
CA ARG A 2 18.73 -1.22 2.47
C ARG A 2 19.20 -0.49 1.26
N GLU A 3 20.53 -0.41 1.10
CA GLU A 3 21.06 0.26 -0.04
C GLU A 3 20.76 -0.59 -1.21
N ILE A 4 20.54 0.05 -2.38
CA ILE A 4 20.25 -0.72 -3.54
C ILE A 4 21.34 -0.48 -4.50
N VAL A 5 21.94 -1.58 -5.01
CA VAL A 5 22.93 -1.43 -6.03
C VAL A 5 22.18 -1.17 -7.29
N HIS A 6 22.75 -0.33 -8.17
CA HIS A 6 22.08 -0.07 -9.40
C HIS A 6 22.79 -0.84 -10.45
N ILE A 7 22.01 -1.49 -11.34
CA ILE A 7 22.62 -2.28 -12.37
C ILE A 7 22.20 -1.67 -13.66
N GLN A 8 23.15 -1.55 -14.60
CA GLN A 8 22.82 -0.94 -15.85
C GLN A 8 22.89 -2.01 -16.88
N ALA A 9 21.95 -1.95 -17.86
CA ALA A 9 21.96 -2.93 -18.91
C ALA A 9 21.87 -2.18 -20.19
N GLY A 10 22.37 -2.79 -21.27
CA GLY A 10 22.25 -2.18 -22.56
C GLY A 10 23.37 -1.21 -22.68
N GLN A 11 23.58 -0.70 -23.91
CA GLN A 11 24.63 0.24 -24.15
C GLN A 11 24.28 1.47 -23.39
N CYS A 12 23.00 1.87 -23.45
CA CYS A 12 22.58 3.07 -22.78
C CYS A 12 22.79 2.86 -21.33
N GLY A 13 22.45 1.66 -20.82
CA GLY A 13 22.50 1.44 -19.41
C GLY A 13 23.92 1.64 -18.99
N ASN A 14 24.87 1.11 -19.77
CA ASN A 14 26.24 1.24 -19.38
C ASN A 14 26.57 2.69 -19.32
N GLN A 15 26.24 3.41 -20.40
CA GLN A 15 26.69 4.77 -20.52
C GLN A 15 26.07 5.57 -19.42
N ILE A 16 24.75 5.38 -19.21
CA ILE A 16 24.05 6.14 -18.23
C ILE A 16 24.59 5.77 -16.90
N GLY A 17 24.84 4.47 -16.69
CA GLY A 17 25.18 3.97 -15.40
C GLY A 17 26.43 4.64 -14.95
N ALA A 18 27.39 4.83 -15.88
CA ALA A 18 28.63 5.41 -15.47
C ALA A 18 28.34 6.76 -14.93
N LYS A 19 27.46 7.52 -15.63
CA LYS A 19 27.12 8.83 -15.20
C LYS A 19 26.43 8.70 -13.89
N PHE A 20 25.58 7.67 -13.76
CA PHE A 20 24.78 7.47 -12.58
C PHE A 20 25.74 7.33 -11.45
N TRP A 21 26.77 6.49 -11.65
CA TRP A 21 27.72 6.24 -10.61
C TRP A 21 28.34 7.55 -10.28
N GLU A 22 28.73 8.33 -11.31
CA GLU A 22 29.43 9.55 -11.04
C GLU A 22 28.53 10.42 -10.22
N VAL A 23 27.25 10.51 -10.62
CA VAL A 23 26.37 11.39 -9.93
C VAL A 23 26.29 10.93 -8.50
N ILE A 24 26.08 9.62 -8.31
CA ILE A 24 25.84 9.11 -7.00
C ILE A 24 27.06 9.34 -6.19
N SER A 25 28.24 9.04 -6.77
CA SER A 25 29.47 9.17 -6.05
C SER A 25 29.60 10.60 -5.68
N ASP A 26 29.22 11.50 -6.62
CA ASP A 26 29.30 12.89 -6.33
C ASP A 26 28.39 13.14 -5.17
N GLU A 27 27.21 12.50 -5.19
CA GLU A 27 26.25 12.72 -4.15
C GLU A 27 26.90 12.31 -2.87
N HIS A 28 27.61 11.17 -2.90
CA HIS A 28 28.28 10.72 -1.72
C HIS A 28 29.24 11.78 -1.34
N GLY A 29 29.98 12.30 -2.34
CA GLY A 29 30.91 13.34 -2.07
C GLY A 29 32.10 12.69 -1.45
N ILE A 30 32.16 11.35 -1.52
CA ILE A 30 33.28 10.69 -0.95
C ILE A 30 34.38 10.77 -1.94
N ASP A 31 35.54 11.28 -1.50
CA ASP A 31 36.66 11.41 -2.38
C ASP A 31 37.31 10.07 -2.44
N PRO A 32 38.29 9.92 -3.28
CA PRO A 32 39.05 8.71 -3.38
C PRO A 32 39.71 8.52 -2.05
N THR A 33 39.83 9.60 -1.26
CA THR A 33 40.39 9.53 0.06
C THR A 33 39.50 8.63 0.84
N GLY A 34 38.17 8.78 0.64
CA GLY A 34 37.25 8.01 1.42
C GLY A 34 36.86 8.84 2.59
N SER A 35 37.40 10.06 2.67
CA SER A 35 36.95 10.96 3.70
C SER A 35 35.58 11.36 3.31
N TYR A 36 34.80 11.90 4.27
CA TYR A 36 33.45 12.24 3.93
C TYR A 36 33.39 13.73 3.89
N HIS A 37 33.04 14.26 2.70
CA HIS A 37 32.91 15.68 2.57
C HIS A 37 31.77 16.10 3.42
N GLY A 38 30.67 15.32 3.39
CA GLY A 38 29.49 15.73 4.09
C GLY A 38 29.82 15.77 5.54
N ASP A 39 29.37 16.84 6.21
CA ASP A 39 29.61 16.96 7.62
C ASP A 39 28.86 15.86 8.30
N SER A 40 27.62 15.61 7.86
CA SER A 40 26.78 14.72 8.61
C SER A 40 27.42 13.37 8.60
N ASP A 41 27.49 12.74 9.79
CA ASP A 41 27.97 11.40 9.89
C ASP A 41 26.98 10.52 9.22
N LEU A 42 25.68 10.82 9.43
CA LEU A 42 24.64 9.94 8.98
C LEU A 42 24.72 9.85 7.50
N GLN A 43 24.93 11.00 6.84
CA GLN A 43 24.95 11.01 5.41
C GLN A 43 26.07 10.12 5.00
N LEU A 44 27.19 10.20 5.75
CA LEU A 44 28.31 9.36 5.47
C LEU A 44 27.85 7.96 5.66
N GLU A 45 27.05 7.72 6.70
CA GLU A 45 26.63 6.40 7.04
C GLU A 45 25.85 5.85 5.89
N ARG A 46 24.95 6.66 5.31
CA ARG A 46 24.12 6.16 4.25
C ARG A 46 25.03 5.75 3.14
N ILE A 47 26.01 6.61 2.83
CA ILE A 47 26.90 6.34 1.74
C ILE A 47 27.62 5.08 2.07
N ASN A 48 28.04 4.96 3.33
CA ASN A 48 28.79 3.84 3.79
C ASN A 48 27.95 2.63 3.55
N VAL A 49 26.64 2.74 3.86
CA VAL A 49 25.78 1.63 3.62
C VAL A 49 25.82 1.36 2.16
N TYR A 50 25.76 2.44 1.35
CA TYR A 50 25.61 2.29 -0.06
C TYR A 50 26.80 1.58 -0.60
N TYR A 51 28.02 1.99 -0.21
CA TYR A 51 29.18 1.43 -0.84
C TYR A 51 30.07 0.85 0.22
N ASN A 52 30.69 -0.29 -0.09
CA ASN A 52 31.56 -0.93 0.86
C ASN A 52 32.75 -0.04 1.01
N GLU A 53 33.45 -0.14 2.15
CA GLU A 53 34.48 0.79 2.42
C GLU A 53 35.78 0.20 1.99
N ALA A 54 36.49 0.91 1.09
CA ALA A 54 37.86 0.62 0.82
C ALA A 54 38.62 1.24 1.95
N ALA A 55 39.91 0.86 2.10
CA ALA A 55 40.66 1.42 3.19
C ALA A 55 40.70 2.89 2.97
N GLY A 56 40.84 3.65 4.07
CA GLY A 56 40.76 5.08 3.96
C GLY A 56 39.31 5.43 3.94
N ASN A 57 38.47 4.46 4.33
CA ASN A 57 37.06 4.68 4.35
C ASN A 57 36.64 5.13 2.99
N LYS A 58 37.29 4.56 1.96
CA LYS A 58 36.86 4.82 0.63
C LYS A 58 35.57 4.09 0.46
N TYR A 59 34.78 4.45 -0.56
CA TYR A 59 33.59 3.70 -0.79
C TYR A 59 33.71 3.10 -2.15
N VAL A 60 33.42 1.80 -2.25
CA VAL A 60 33.52 1.14 -3.53
C VAL A 60 32.12 0.84 -3.94
N PRO A 61 31.86 1.12 -5.18
CA PRO A 61 30.52 1.08 -5.69
C PRO A 61 30.06 -0.33 -5.67
N ARG A 62 28.75 -0.57 -5.46
CA ARG A 62 28.25 -1.89 -5.68
C ARG A 62 27.34 -1.78 -6.87
N ALA A 63 27.69 -2.47 -7.96
CA ALA A 63 26.84 -2.47 -9.11
C ALA A 63 27.48 -3.36 -10.11
N ILE A 64 26.73 -3.74 -11.16
CA ILE A 64 27.34 -4.48 -12.22
C ILE A 64 27.16 -3.67 -13.45
N LEU A 65 28.23 -3.56 -14.26
CA LEU A 65 28.14 -2.80 -15.46
C LEU A 65 27.84 -3.76 -16.56
N VAL A 66 26.97 -3.35 -17.50
CA VAL A 66 26.67 -4.22 -18.59
C VAL A 66 27.71 -3.97 -19.63
N ASP A 67 28.35 -5.04 -20.13
CA ASP A 67 29.42 -4.84 -21.06
C ASP A 67 28.88 -5.11 -22.42
N LEU A 68 28.44 -4.05 -23.12
CA LEU A 68 28.09 -4.23 -24.49
C LEU A 68 29.36 -4.60 -25.17
N GLU A 69 30.43 -3.85 -24.88
CA GLU A 69 31.75 -4.19 -25.30
C GLU A 69 32.63 -3.85 -24.14
N PRO A 70 33.77 -4.47 -24.07
CA PRO A 70 34.63 -4.34 -22.94
C PRO A 70 35.07 -2.91 -22.83
N GLY A 71 34.95 -2.15 -23.92
CA GLY A 71 35.45 -0.80 -23.96
C GLY A 71 34.72 -0.03 -22.91
N THR A 72 33.40 -0.28 -22.78
CA THR A 72 32.61 0.52 -21.90
C THR A 72 33.17 0.38 -20.53
N MET A 73 33.49 -0.86 -20.14
CA MET A 73 33.99 -1.10 -18.81
C MET A 73 35.26 -0.33 -18.69
N ASP A 74 36.07 -0.33 -19.77
CA ASP A 74 37.31 0.38 -19.73
C ASP A 74 36.99 1.81 -19.50
N SER A 75 35.92 2.30 -20.16
CA SER A 75 35.63 3.70 -20.10
C SER A 75 35.43 4.08 -18.67
N VAL A 76 34.54 3.35 -17.97
CA VAL A 76 34.19 3.76 -16.64
C VAL A 76 35.42 3.70 -15.80
N ARG A 77 36.21 2.62 -15.92
CA ARG A 77 37.36 2.45 -15.09
C ARG A 77 38.28 3.59 -15.38
N SER A 78 38.41 3.91 -16.67
CA SER A 78 39.28 4.97 -17.09
C SER A 78 38.75 6.23 -16.48
N GLY A 79 37.41 6.32 -16.36
CA GLY A 79 36.82 7.51 -15.86
C GLY A 79 37.10 7.56 -14.39
N PRO A 80 36.68 8.64 -13.80
CA PRO A 80 37.19 9.03 -12.52
C PRO A 80 36.82 8.02 -11.49
N PHE A 81 37.56 7.98 -10.37
CA PHE A 81 37.27 7.06 -9.32
C PHE A 81 37.34 5.67 -9.89
N GLY A 82 38.23 5.48 -10.87
CA GLY A 82 38.41 4.16 -11.40
C GLY A 82 38.88 3.34 -10.25
N GLN A 83 39.76 3.92 -9.43
CA GLN A 83 40.27 3.23 -8.28
C GLN A 83 39.12 2.97 -7.37
N ILE A 84 38.21 3.95 -7.25
CA ILE A 84 37.17 3.85 -6.27
C ILE A 84 36.38 2.63 -6.60
N PHE A 85 36.01 2.47 -7.87
CA PHE A 85 35.28 1.29 -8.25
C PHE A 85 36.26 0.17 -8.31
N ARG A 86 35.83 -1.05 -7.96
CA ARG A 86 36.76 -2.14 -8.03
C ARG A 86 36.23 -3.13 -9.02
N PRO A 87 37.15 -3.61 -9.80
CA PRO A 87 36.84 -4.37 -10.98
C PRO A 87 36.16 -5.65 -10.61
N ASP A 88 36.28 -6.09 -9.35
CA ASP A 88 35.70 -7.35 -8.97
C ASP A 88 34.24 -7.22 -9.21
N ASN A 89 33.67 -6.05 -8.84
CA ASN A 89 32.28 -5.82 -9.07
C ASN A 89 32.08 -5.88 -10.55
N PHE A 90 33.04 -5.31 -11.30
CA PHE A 90 32.89 -5.21 -12.72
C PHE A 90 32.71 -6.57 -13.28
N VAL A 91 31.82 -6.67 -14.29
CA VAL A 91 31.68 -7.88 -15.03
C VAL A 91 32.10 -7.55 -16.42
N PHE A 92 32.57 -8.55 -17.17
CA PHE A 92 33.07 -8.25 -18.48
C PHE A 92 32.36 -9.10 -19.47
N GLY A 93 32.18 -8.57 -20.70
CA GLY A 93 31.76 -9.39 -21.79
C GLY A 93 32.14 -8.67 -23.03
N GLN A 94 33.08 -9.24 -23.79
CA GLN A 94 33.51 -8.62 -25.01
C GLN A 94 32.36 -8.64 -25.96
N SER A 95 31.68 -9.81 -26.04
CA SER A 95 30.69 -9.99 -27.04
C SER A 95 29.63 -8.96 -26.81
N GLY A 96 29.18 -8.83 -25.55
CA GLY A 96 28.12 -7.91 -25.28
C GLY A 96 26.88 -8.53 -25.81
N ALA A 97 25.87 -7.69 -26.08
CA ALA A 97 24.61 -8.19 -26.54
C ALA A 97 24.83 -8.88 -27.84
N GLY A 98 25.64 -8.28 -28.72
CA GLY A 98 25.79 -8.83 -30.03
C GLY A 98 24.62 -8.35 -30.82
N ASN A 99 23.86 -7.42 -30.23
CA ASN A 99 22.72 -6.85 -30.87
C ASN A 99 21.80 -7.96 -31.23
N ASN A 100 21.80 -9.04 -30.43
CA ASN A 100 20.75 -10.01 -30.54
C ASN A 100 20.07 -10.00 -29.22
N TRP A 101 18.73 -9.85 -29.22
CA TRP A 101 18.07 -9.82 -27.95
C TRP A 101 18.30 -11.15 -27.32
N ALA A 102 17.94 -12.23 -28.03
CA ALA A 102 18.04 -13.52 -27.46
C ALA A 102 19.47 -13.82 -27.21
N LYS A 103 20.33 -13.56 -28.21
CA LYS A 103 21.69 -13.98 -28.09
C LYS A 103 22.30 -13.27 -26.93
N GLY A 104 22.14 -11.93 -26.91
CA GLY A 104 22.76 -11.16 -25.88
C GLY A 104 22.16 -11.59 -24.58
N HIS A 105 20.83 -11.77 -24.58
CA HIS A 105 20.15 -12.06 -23.36
C HIS A 105 20.71 -13.34 -22.82
N TYR A 106 20.76 -14.39 -23.67
CA TYR A 106 21.15 -15.67 -23.19
C TYR A 106 22.58 -15.61 -22.77
N THR A 107 23.45 -15.08 -23.64
CA THR A 107 24.86 -15.17 -23.39
C THR A 107 25.19 -14.39 -22.16
N GLU A 108 24.69 -13.15 -22.08
CA GLU A 108 25.09 -12.26 -21.05
C GLU A 108 24.62 -12.80 -19.73
N GLY A 109 23.39 -13.35 -19.72
CA GLY A 109 22.71 -13.59 -18.48
C GLY A 109 23.54 -14.50 -17.64
N ALA A 110 24.13 -15.55 -18.27
CA ALA A 110 24.85 -16.50 -17.48
C ALA A 110 25.97 -15.78 -16.82
N GLU A 111 26.66 -14.90 -17.57
CA GLU A 111 27.80 -14.21 -17.04
C GLU A 111 27.32 -13.35 -15.92
N LEU A 112 26.20 -12.63 -16.15
CA LEU A 112 25.74 -11.64 -15.24
C LEU A 112 25.38 -12.29 -13.96
N VAL A 113 24.76 -13.48 -14.03
CA VAL A 113 24.10 -14.04 -12.88
C VAL A 113 25.10 -14.19 -11.78
N ASP A 114 26.30 -14.70 -12.11
CA ASP A 114 27.25 -14.99 -11.08
C ASP A 114 27.56 -13.71 -10.37
N SER A 115 27.81 -12.64 -11.15
CA SER A 115 28.13 -11.39 -10.53
C SER A 115 26.94 -10.97 -9.75
N VAL A 116 25.74 -11.24 -10.29
CA VAL A 116 24.54 -10.77 -9.68
C VAL A 116 24.47 -11.34 -8.30
N LEU A 117 24.72 -12.65 -8.16
CA LEU A 117 24.57 -13.25 -6.87
C LEU A 117 25.55 -12.59 -5.97
N ASP A 118 26.79 -12.41 -6.46
CA ASP A 118 27.82 -11.89 -5.60
C ASP A 118 27.40 -10.53 -5.15
N VAL A 119 26.96 -9.68 -6.10
CA VAL A 119 26.65 -8.33 -5.75
C VAL A 119 25.50 -8.34 -4.81
N VAL A 120 24.50 -9.20 -5.09
CA VAL A 120 23.30 -9.21 -4.30
C VAL A 120 23.70 -9.55 -2.91
N ARG A 121 24.63 -10.50 -2.75
CA ARG A 121 25.00 -10.94 -1.44
C ARG A 121 25.52 -9.74 -0.72
N LYS A 122 26.33 -8.93 -1.40
CA LYS A 122 26.96 -7.83 -0.74
C LYS A 122 25.89 -6.94 -0.19
N GLU A 123 24.87 -6.65 -1.01
CA GLU A 123 23.83 -5.76 -0.58
C GLU A 123 23.14 -6.41 0.58
N SER A 124 22.91 -7.73 0.48
CA SER A 124 22.22 -8.42 1.52
C SER A 124 23.04 -8.24 2.76
N GLU A 125 24.37 -8.23 2.60
CA GLU A 125 25.21 -8.04 3.74
C GLU A 125 24.92 -6.67 4.27
N SER A 126 24.81 -5.68 3.37
CA SER A 126 24.61 -4.33 3.80
C SER A 126 23.35 -4.30 4.60
N CYS A 127 22.21 -4.62 3.95
CA CYS A 127 20.99 -4.67 4.67
C CYS A 127 20.38 -6.01 4.41
N ASP A 128 19.68 -6.56 5.41
CA ASP A 128 19.16 -7.88 5.24
C ASP A 128 18.22 -7.83 4.09
N CYS A 129 17.33 -6.83 4.06
CA CYS A 129 16.41 -6.75 2.98
C CYS A 129 16.65 -5.45 2.29
N LEU A 130 16.45 -5.44 0.96
CA LEU A 130 16.51 -4.21 0.24
C LEU A 130 15.15 -4.00 -0.36
N GLN A 131 14.79 -2.72 -0.58
CA GLN A 131 13.47 -2.45 -1.09
C GLN A 131 13.37 -3.08 -2.43
N GLY A 132 14.44 -2.95 -3.24
CA GLY A 132 14.46 -3.55 -4.53
C GLY A 132 15.60 -2.94 -5.26
N PHE A 133 15.88 -3.42 -6.48
CA PHE A 133 16.98 -2.85 -7.22
C PHE A 133 16.40 -2.07 -8.34
N GLN A 134 17.06 -0.95 -8.69
CA GLN A 134 16.65 -0.22 -9.84
C GLN A 134 17.75 -0.35 -10.83
N LEU A 135 17.41 -0.72 -12.08
CA LEU A 135 18.42 -0.89 -13.07
C LEU A 135 18.16 0.10 -14.15
N THR A 136 19.24 0.62 -14.77
CA THR A 136 19.06 1.53 -15.85
C THR A 136 19.54 0.83 -17.08
N HIS A 137 18.72 0.86 -18.14
CA HIS A 137 19.12 0.25 -19.37
C HIS A 137 18.48 1.03 -20.47
N SER A 138 18.74 0.64 -21.72
CA SER A 138 18.04 1.27 -22.80
C SER A 138 16.96 0.33 -23.19
N LEU A 139 15.70 0.81 -23.11
CA LEU A 139 14.61 0.01 -23.56
C LEU A 139 14.76 -0.13 -25.03
N GLY A 140 15.16 0.96 -25.70
CA GLY A 140 15.15 0.99 -27.13
C GLY A 140 16.04 -0.10 -27.61
N GLY A 141 17.23 -0.24 -27.02
CA GLY A 141 18.04 -1.34 -27.45
C GLY A 141 17.31 -2.58 -27.05
N GLY A 142 16.98 -3.42 -28.05
CA GLY A 142 16.30 -4.64 -27.72
C GLY A 142 17.23 -5.45 -26.89
N THR A 143 18.50 -5.52 -27.33
CA THR A 143 19.47 -6.33 -26.66
C THR A 143 19.69 -5.76 -25.31
N GLY A 144 19.84 -4.43 -25.23
CA GLY A 144 20.21 -3.84 -23.97
C GLY A 144 19.13 -4.15 -23.01
N SER A 145 17.87 -3.99 -23.44
CA SER A 145 16.76 -4.25 -22.56
C SER A 145 16.78 -5.72 -22.26
N GLY A 146 16.98 -6.54 -23.31
CA GLY A 146 16.78 -7.95 -23.16
C GLY A 146 17.73 -8.45 -22.11
N MET A 147 18.99 -7.99 -22.16
CA MET A 147 19.93 -8.47 -21.20
C MET A 147 19.44 -8.06 -19.85
N GLY A 148 18.98 -6.80 -19.74
CA GLY A 148 18.60 -6.26 -18.47
C GLY A 148 17.45 -7.04 -17.94
N THR A 149 16.52 -7.43 -18.83
CA THR A 149 15.26 -7.96 -18.40
C THR A 149 15.54 -9.18 -17.59
N LEU A 150 16.47 -10.03 -18.05
CA LEU A 150 16.63 -11.31 -17.43
C LEU A 150 17.01 -11.09 -16.00
N LEU A 151 17.97 -10.17 -15.76
CA LEU A 151 18.42 -10.00 -14.41
C LEU A 151 17.27 -9.51 -13.61
N ILE A 152 16.51 -8.55 -14.15
CA ILE A 152 15.50 -7.92 -13.38
C ILE A 152 14.50 -8.95 -13.00
N SER A 153 14.09 -9.79 -13.98
CA SER A 153 13.07 -10.74 -13.71
C SER A 153 13.55 -11.63 -12.62
N LYS A 154 14.80 -12.14 -12.78
CA LYS A 154 15.29 -13.11 -11.86
C LYS A 154 15.35 -12.50 -10.50
N ILE A 155 15.90 -11.27 -10.42
CA ILE A 155 16.20 -10.69 -9.14
C ILE A 155 14.92 -10.54 -8.40
N ARG A 156 13.90 -9.98 -9.06
CA ARG A 156 12.67 -9.71 -8.39
C ARG A 156 12.15 -11.01 -7.91
N GLU A 157 12.24 -12.04 -8.77
CA GLU A 157 11.73 -13.33 -8.41
C GLU A 157 12.48 -13.78 -7.20
N GLU A 158 13.80 -13.54 -7.19
CA GLU A 158 14.59 -14.08 -6.12
C GLU A 158 14.10 -13.48 -4.86
N TYR A 159 13.93 -12.15 -4.82
CA TYR A 159 13.47 -11.55 -3.61
C TYR A 159 12.23 -10.79 -3.92
N PRO A 160 11.14 -11.22 -3.34
CA PRO A 160 9.90 -10.52 -3.38
C PRO A 160 10.09 -9.22 -2.69
N ASP A 161 11.07 -9.15 -1.76
CA ASP A 161 11.25 -7.96 -0.99
C ASP A 161 11.63 -6.88 -1.94
N ARG A 162 12.55 -7.20 -2.87
CA ARG A 162 13.02 -6.20 -3.77
C ARG A 162 11.93 -5.91 -4.74
N ILE A 163 11.85 -4.65 -5.18
CA ILE A 163 10.92 -4.30 -6.21
C ILE A 163 11.74 -3.87 -7.37
N MET A 164 11.38 -4.32 -8.58
CA MET A 164 12.20 -4.01 -9.70
C MET A 164 11.67 -2.76 -10.31
N ASN A 165 12.52 -1.73 -10.40
CA ASN A 165 12.16 -0.53 -11.11
C ASN A 165 13.24 -0.36 -12.13
N THR A 166 12.86 0.11 -13.33
CA THR A 166 13.86 0.23 -14.34
C THR A 166 13.80 1.61 -14.90
N PHE A 167 14.96 2.11 -15.34
CA PHE A 167 14.97 3.33 -16.11
C PHE A 167 15.44 2.96 -17.47
N SER A 168 14.70 3.38 -18.51
CA SER A 168 15.19 3.19 -19.84
C SER A 168 14.75 4.37 -20.62
N VAL A 169 15.53 4.77 -21.64
CA VAL A 169 15.08 5.85 -22.46
C VAL A 169 14.16 5.25 -23.47
N VAL A 170 13.01 5.90 -23.68
CA VAL A 170 12.15 5.49 -24.76
C VAL A 170 12.65 6.23 -25.95
N PRO A 171 12.73 5.56 -27.07
CA PRO A 171 12.96 6.21 -28.31
C PRO A 171 11.79 7.12 -28.49
N SER A 172 12.00 8.37 -28.94
CA SER A 172 10.85 9.20 -29.11
C SER A 172 10.17 8.73 -30.35
N PRO A 173 8.89 8.55 -30.24
CA PRO A 173 8.06 8.13 -31.34
C PRO A 173 8.08 9.24 -32.33
N LYS A 174 8.50 10.44 -31.92
CA LYS A 174 8.37 11.59 -32.76
C LYS A 174 9.13 11.31 -34.01
N VAL A 175 10.38 10.82 -33.87
CA VAL A 175 11.13 10.52 -35.05
C VAL A 175 11.52 9.09 -34.98
N SER A 176 11.33 8.35 -36.10
CA SER A 176 11.94 7.07 -36.22
C SER A 176 12.59 7.07 -37.55
N ASP A 177 13.91 6.77 -37.60
CA ASP A 177 14.53 6.67 -38.88
C ASP A 177 13.90 5.51 -39.55
N THR A 178 13.77 4.40 -38.80
CA THR A 178 13.18 3.21 -39.34
C THR A 178 12.32 2.61 -38.28
N VAL A 179 11.42 1.71 -38.70
CA VAL A 179 10.57 0.99 -37.81
C VAL A 179 11.42 0.10 -36.97
N VAL A 180 12.49 -0.46 -37.58
CA VAL A 180 13.20 -1.56 -36.99
C VAL A 180 13.74 -1.15 -35.67
N GLU A 181 14.25 0.08 -35.54
CA GLU A 181 14.85 0.46 -34.29
C GLU A 181 13.81 0.34 -33.21
N PRO A 182 12.64 0.88 -33.39
CA PRO A 182 11.62 0.79 -32.37
C PRO A 182 11.26 -0.64 -32.16
N TYR A 183 11.61 -1.52 -33.13
CA TYR A 183 11.25 -2.90 -33.01
C TYR A 183 11.93 -3.42 -31.80
N ASN A 184 13.19 -3.02 -31.59
CA ASN A 184 13.88 -3.46 -30.42
C ASN A 184 13.11 -2.93 -29.26
N ALA A 185 12.65 -1.67 -29.37
CA ALA A 185 12.00 -1.03 -28.26
C ALA A 185 10.78 -1.79 -27.90
N THR A 186 9.99 -2.22 -28.91
CA THR A 186 8.74 -2.83 -28.58
C THR A 186 9.03 -4.07 -27.80
N LEU A 187 10.05 -4.83 -28.24
CA LEU A 187 10.34 -6.07 -27.57
C LEU A 187 10.69 -5.74 -26.16
N SER A 188 11.53 -4.71 -25.97
CA SER A 188 11.94 -4.38 -24.64
C SER A 188 10.72 -4.01 -23.88
N VAL A 189 9.83 -3.23 -24.50
CA VAL A 189 8.70 -2.70 -23.78
C VAL A 189 7.91 -3.84 -23.27
N HIS A 190 7.64 -4.84 -24.13
CA HIS A 190 6.77 -5.90 -23.73
C HIS A 190 7.40 -6.59 -22.57
N GLN A 191 8.70 -6.91 -22.69
CA GLN A 191 9.35 -7.65 -21.65
C GLN A 191 9.34 -6.83 -20.40
N LEU A 192 9.66 -5.54 -20.53
CA LEU A 192 9.90 -4.71 -19.39
C LEU A 192 8.64 -4.63 -18.59
N VAL A 193 7.49 -4.42 -19.28
CA VAL A 193 6.29 -4.15 -18.56
C VAL A 193 6.00 -5.33 -17.70
N GLU A 194 6.12 -6.54 -18.26
CA GLU A 194 5.85 -7.71 -17.47
C GLU A 194 6.87 -7.75 -16.38
N ASN A 195 8.14 -7.43 -16.74
CA ASN A 195 9.21 -7.66 -15.82
C ASN A 195 8.99 -6.84 -14.59
N THR A 196 8.67 -5.55 -14.76
CA THR A 196 8.59 -4.72 -13.60
C THR A 196 7.19 -4.26 -13.44
N ASP A 197 6.71 -4.22 -12.19
CA ASP A 197 5.41 -3.70 -11.92
C ASP A 197 5.44 -2.27 -12.31
N GLU A 198 6.50 -1.56 -11.90
CA GLU A 198 6.61 -0.17 -12.26
C GLU A 198 7.82 -0.03 -13.11
N THR A 199 7.70 0.74 -14.20
CA THR A 199 8.84 1.01 -15.02
C THR A 199 8.87 2.48 -15.23
N TYR A 200 10.07 3.04 -15.45
CA TYR A 200 10.17 4.45 -15.71
C TYR A 200 10.92 4.61 -16.98
N CYS A 201 10.43 5.50 -17.87
CA CYS A 201 11.14 5.73 -19.08
C CYS A 201 11.17 7.21 -19.31
N ILE A 202 12.14 7.67 -20.11
CA ILE A 202 12.16 9.06 -20.49
C ILE A 202 12.09 9.09 -21.97
N ASP A 203 11.26 9.98 -22.53
CA ASP A 203 11.11 10.01 -23.95
C ASP A 203 12.38 10.54 -24.53
N ASN A 204 12.70 10.09 -25.75
CA ASN A 204 13.86 10.59 -26.43
C ASN A 204 13.61 12.04 -26.67
N GLU A 205 12.34 12.36 -27.02
CA GLU A 205 11.98 13.70 -27.34
C GLU A 205 12.25 14.54 -26.14
N ALA A 206 11.91 14.02 -24.95
CA ALA A 206 12.07 14.80 -23.77
C ALA A 206 13.52 15.13 -23.65
N LEU A 207 14.38 14.15 -23.89
CA LEU A 207 15.79 14.39 -23.81
C LEU A 207 16.12 15.40 -24.86
N TYR A 208 15.53 15.24 -26.06
CA TYR A 208 15.92 16.06 -27.15
C TYR A 208 15.60 17.48 -26.80
N ASP A 209 14.37 17.73 -26.32
CA ASP A 209 13.97 19.07 -26.06
C ASP A 209 14.83 19.62 -24.98
N ILE A 210 14.99 18.86 -23.88
CA ILE A 210 15.66 19.41 -22.75
C ILE A 210 17.07 19.67 -23.14
N CYS A 211 17.70 18.69 -23.81
CA CYS A 211 19.08 18.83 -24.17
C CYS A 211 19.18 19.98 -25.10
N PHE A 212 18.29 20.04 -26.09
CA PHE A 212 18.48 20.98 -27.15
C PHE A 212 18.42 22.36 -26.59
N ARG A 213 17.40 22.64 -25.77
CA ARG A 213 17.30 23.99 -25.29
C ARG A 213 18.51 24.29 -24.47
N THR A 214 18.82 23.41 -23.49
CA THR A 214 19.85 23.72 -22.54
C THR A 214 21.17 23.80 -23.23
N LEU A 215 21.55 22.71 -23.92
CA LEU A 215 22.85 22.61 -24.55
C LEU A 215 22.90 23.57 -25.68
N LYS A 216 21.81 23.61 -26.47
CA LYS A 216 21.80 24.28 -27.73
C LYS A 216 22.81 23.59 -28.60
N LEU A 217 23.13 22.32 -28.28
CA LEU A 217 24.02 21.57 -29.12
C LEU A 217 23.22 21.01 -30.24
N THR A 218 23.87 20.80 -31.41
CA THR A 218 23.18 20.26 -32.53
C THR A 218 22.73 18.89 -32.16
N THR A 219 23.64 18.09 -31.55
CA THR A 219 23.28 16.79 -31.12
C THR A 219 23.55 16.72 -29.66
N PRO A 220 22.75 15.99 -28.96
CA PRO A 220 22.78 16.01 -27.52
C PRO A 220 24.09 15.46 -27.06
N THR A 221 24.64 16.00 -25.95
CA THR A 221 25.82 15.41 -25.42
C THR A 221 25.36 14.24 -24.63
N TYR A 222 25.99 13.07 -24.85
CA TYR A 222 25.58 11.92 -24.11
C TYR A 222 25.88 12.19 -22.67
N GLY A 223 27.13 12.64 -22.40
CA GLY A 223 27.51 12.81 -21.04
C GLY A 223 26.65 13.89 -20.46
N ASP A 224 26.48 15.00 -21.20
CA ASP A 224 25.78 16.11 -20.64
C ASP A 224 24.38 15.67 -20.38
N LEU A 225 23.75 15.01 -21.36
CA LEU A 225 22.38 14.63 -21.22
C LEU A 225 22.30 13.69 -20.07
N ASN A 226 23.27 12.75 -20.01
CA ASN A 226 23.25 11.76 -18.99
C ASN A 226 23.35 12.47 -17.68
N HIS A 227 24.17 13.53 -17.63
CA HIS A 227 24.40 14.19 -16.37
C HIS A 227 23.08 14.68 -15.86
N LEU A 228 22.32 15.40 -16.71
CA LEU A 228 21.11 16.00 -16.23
C LEU A 228 20.18 14.91 -15.83
N VAL A 229 20.05 13.88 -16.69
CA VAL A 229 19.07 12.86 -16.46
C VAL A 229 19.43 12.19 -15.18
N SER A 230 20.73 11.89 -15.01
CA SER A 230 21.16 11.16 -13.85
C SER A 230 20.83 11.98 -12.65
N ALA A 231 20.97 13.32 -12.77
CA ALA A 231 20.83 14.14 -11.61
C ALA A 231 19.44 13.99 -11.09
N THR A 232 18.43 14.03 -11.99
CA THR A 232 17.08 14.00 -11.52
C THR A 232 16.86 12.70 -10.83
N MET A 233 17.35 11.60 -11.43
CA MET A 233 17.16 10.30 -10.86
C MET A 233 17.84 10.31 -9.53
N SER A 234 19.02 10.93 -9.47
CA SER A 234 19.80 10.92 -8.27
C SER A 234 18.98 11.60 -7.22
N GLY A 235 18.20 12.61 -7.62
CA GLY A 235 17.49 13.37 -6.63
C GLY A 235 16.55 12.46 -5.91
N VAL A 236 15.83 11.61 -6.65
CA VAL A 236 14.81 10.82 -6.00
C VAL A 236 15.46 9.90 -5.03
N THR A 237 16.55 9.21 -5.45
CA THR A 237 17.17 8.26 -4.59
C THR A 237 17.73 9.02 -3.43
N THR A 238 18.35 10.18 -3.72
CA THR A 238 18.99 10.93 -2.69
C THR A 238 17.96 11.30 -1.69
N CYS A 239 16.78 11.75 -2.17
CA CYS A 239 15.78 12.22 -1.27
C CYS A 239 15.41 11.09 -0.37
N LEU A 240 15.16 9.89 -0.95
CA LEU A 240 14.72 8.80 -0.14
C LEU A 240 15.82 8.48 0.83
N ARG A 241 17.06 8.43 0.35
CA ARG A 241 18.14 8.02 1.19
C ARG A 241 18.24 8.99 2.31
N PHE A 242 18.19 10.29 1.98
CA PHE A 242 18.42 11.29 2.97
C PHE A 242 17.18 11.45 3.77
N PRO A 243 17.39 11.77 5.01
CA PRO A 243 16.33 11.87 5.98
C PRO A 243 15.47 13.02 5.59
N GLY A 244 14.20 13.01 6.00
CA GLY A 244 13.34 14.12 5.75
C GLY A 244 12.57 14.34 7.02
N GLN A 245 11.96 15.53 7.17
CA GLN A 245 11.20 15.75 8.36
C GLN A 245 10.12 14.73 8.33
N LEU A 246 9.47 14.60 7.16
CA LEU A 246 8.64 13.46 6.93
C LEU A 246 9.28 12.71 5.81
N ASN A 247 9.41 11.38 5.96
CA ASN A 247 9.99 10.63 4.90
C ASN A 247 8.94 9.70 4.41
N ALA A 248 8.93 9.48 3.08
CA ALA A 248 7.96 8.59 2.53
C ALA A 248 8.70 7.43 1.98
N ASP A 249 8.13 6.22 2.11
CA ASP A 249 8.82 5.08 1.58
C ASP A 249 8.84 5.24 0.10
N LEU A 250 9.98 4.97 -0.53
CA LEU A 250 10.00 5.06 -1.96
C LEU A 250 9.08 4.02 -2.47
N ARG A 251 9.17 2.80 -1.91
CA ARG A 251 8.35 1.71 -2.34
C ARG A 251 6.94 2.07 -2.04
N LYS A 252 6.70 2.61 -0.83
CA LYS A 252 5.35 2.89 -0.42
C LYS A 252 4.81 3.89 -1.39
N LEU A 253 5.64 4.89 -1.72
CA LEU A 253 5.20 5.91 -2.62
C LEU A 253 4.92 5.25 -3.93
N ALA A 254 5.83 4.36 -4.35
CA ALA A 254 5.70 3.77 -5.66
C ALA A 254 4.40 3.05 -5.69
N VAL A 255 4.09 2.33 -4.60
CA VAL A 255 2.86 1.61 -4.53
C VAL A 255 1.77 2.63 -4.62
N ASN A 256 1.97 3.76 -3.92
CA ASN A 256 0.95 4.77 -3.83
C ASN A 256 0.65 5.29 -5.20
N MET A 257 1.70 5.61 -5.98
CA MET A 257 1.51 6.39 -7.16
C MET A 257 0.60 5.63 -8.08
N VAL A 258 0.89 4.33 -8.31
CA VAL A 258 0.02 3.61 -9.17
C VAL A 258 -1.09 3.08 -8.33
N PRO A 259 -2.29 3.29 -8.78
CA PRO A 259 -3.45 2.78 -8.13
C PRO A 259 -3.35 1.29 -8.15
N PHE A 260 -2.63 0.76 -9.15
CA PHE A 260 -2.49 -0.66 -9.26
C PHE A 260 -1.13 -0.92 -9.80
N PRO A 261 -0.66 -2.11 -9.59
CA PRO A 261 0.64 -2.51 -10.02
C PRO A 261 0.66 -2.46 -11.51
N ARG A 262 -0.54 -2.41 -12.13
CA ARG A 262 -0.65 -2.53 -13.55
C ARG A 262 0.09 -1.40 -14.17
N LEU A 263 -0.06 -0.18 -13.64
CA LEU A 263 0.51 0.93 -14.34
C LEU A 263 1.96 0.95 -14.03
N HIS A 264 2.77 0.49 -15.02
CA HIS A 264 4.19 0.50 -14.92
C HIS A 264 4.66 1.92 -14.96
N PHE A 265 4.00 2.73 -15.82
CA PHE A 265 4.55 4.00 -16.18
C PHE A 265 4.60 4.88 -14.97
N PHE A 266 5.70 5.63 -14.84
CA PHE A 266 5.79 6.68 -13.87
C PHE A 266 6.27 7.87 -14.62
N MET A 267 5.88 9.09 -14.19
CA MET A 267 6.38 10.24 -14.86
C MET A 267 7.33 10.92 -13.94
N PRO A 268 8.56 10.97 -14.37
CA PRO A 268 9.62 11.59 -13.64
C PRO A 268 9.39 13.06 -13.67
N GLY A 269 9.97 13.80 -12.71
CA GLY A 269 9.96 15.23 -12.81
C GLY A 269 11.20 15.70 -12.12
N PHE A 270 11.87 16.71 -12.72
CA PHE A 270 13.06 17.20 -12.09
C PHE A 270 12.95 18.68 -12.03
N ALA A 271 13.57 19.28 -10.99
CA ALA A 271 13.57 20.70 -10.89
C ALA A 271 14.61 21.07 -9.89
N PRO A 272 14.94 22.33 -9.85
CA PRO A 272 14.41 23.30 -10.76
C PRO A 272 14.97 23.01 -12.12
N LEU A 273 14.22 23.33 -13.19
CA LEU A 273 14.80 23.29 -14.50
C LEU A 273 14.61 24.64 -15.10
N THR A 274 15.71 25.24 -15.59
CA THR A 274 15.60 26.50 -16.26
C THR A 274 16.72 26.56 -17.25
N SER A 275 16.82 27.68 -17.98
CA SER A 275 17.93 27.85 -18.88
C SER A 275 19.14 28.06 -18.03
N ARG A 276 20.33 27.86 -18.61
CA ARG A 276 21.52 27.92 -17.82
C ARG A 276 21.61 29.30 -17.25
N GLY A 277 21.43 30.32 -18.12
CA GLY A 277 21.60 31.67 -17.68
C GLY A 277 20.56 31.95 -16.64
N SER A 278 19.32 31.48 -16.89
CA SER A 278 18.22 31.86 -16.06
C SER A 278 18.51 31.39 -14.68
N GLN A 279 18.95 30.14 -14.53
CA GLN A 279 19.11 29.58 -13.22
C GLN A 279 20.12 30.41 -12.51
N GLN A 280 21.23 30.72 -13.20
CA GLN A 280 22.32 31.37 -12.54
C GLN A 280 21.85 32.69 -12.04
N TYR A 281 21.17 33.45 -12.91
CA TYR A 281 20.87 34.81 -12.56
C TYR A 281 19.93 34.81 -11.40
N ARG A 282 18.85 34.02 -11.48
CA ARG A 282 17.80 34.20 -10.53
C ARG A 282 17.53 32.89 -9.87
N ALA A 283 16.95 32.95 -8.66
CA ALA A 283 16.56 31.76 -7.98
C ALA A 283 15.06 31.71 -8.02
N LEU A 284 14.51 30.51 -8.22
CA LEU A 284 13.08 30.38 -8.30
C LEU A 284 12.55 30.50 -6.91
N THR A 285 11.30 30.97 -6.79
CA THR A 285 10.65 31.00 -5.52
C THR A 285 10.20 29.61 -5.26
N VAL A 286 9.86 29.29 -4.01
CA VAL A 286 9.45 27.95 -3.72
C VAL A 286 8.24 27.65 -4.57
N PRO A 287 7.22 28.46 -4.57
CA PRO A 287 6.04 28.14 -5.33
C PRO A 287 6.39 28.09 -6.78
N GLU A 288 7.43 28.82 -7.20
CA GLU A 288 7.78 28.88 -8.59
C GLU A 288 8.18 27.51 -9.01
N LEU A 289 8.97 26.84 -8.15
CA LEU A 289 9.49 25.55 -8.50
C LEU A 289 8.32 24.65 -8.67
N THR A 290 7.33 24.76 -7.77
CA THR A 290 6.20 23.87 -7.81
C THR A 290 5.55 24.06 -9.13
N GLN A 291 5.37 25.33 -9.54
CA GLN A 291 4.72 25.61 -10.78
C GLN A 291 5.58 25.04 -11.85
N GLN A 292 6.90 25.15 -11.69
CA GLN A 292 7.80 24.77 -12.73
C GLN A 292 7.56 23.32 -13.02
N MET A 293 7.41 22.51 -11.96
CA MET A 293 7.32 21.09 -12.15
C MET A 293 6.12 20.85 -13.00
N PHE A 294 5.05 21.61 -12.76
CA PHE A 294 3.84 21.42 -13.51
C PHE A 294 4.19 21.64 -14.95
N ASP A 295 4.95 22.71 -15.24
CA ASP A 295 5.17 23.09 -16.60
C ASP A 295 5.89 21.96 -17.28
N ALA A 296 5.54 21.74 -18.57
CA ALA A 296 6.11 20.68 -19.34
C ALA A 296 7.57 20.96 -19.50
N LYS A 297 7.91 22.24 -19.77
CA LYS A 297 9.26 22.55 -20.15
C LYS A 297 10.16 22.15 -19.02
N ASN A 298 9.75 22.48 -17.78
CA ASN A 298 10.57 22.18 -16.65
C ASN A 298 10.71 20.69 -16.58
N MET A 299 9.60 19.96 -16.77
CA MET A 299 9.66 18.55 -16.61
C MET A 299 10.50 18.00 -17.72
N MET A 300 11.28 16.96 -17.42
CA MET A 300 12.21 16.42 -18.38
C MET A 300 11.42 15.91 -19.53
N ALA A 301 10.32 15.19 -19.25
CA ALA A 301 9.56 14.60 -20.31
C ALA A 301 8.88 15.71 -21.04
N ALA A 302 8.62 15.50 -22.34
CA ALA A 302 7.93 16.53 -23.06
C ALA A 302 6.50 16.10 -23.15
N CYS A 303 5.58 16.99 -22.73
CA CYS A 303 4.18 16.70 -22.86
C CYS A 303 3.48 18.00 -22.80
N ASP A 304 2.16 17.99 -23.00
CA ASP A 304 1.38 19.14 -22.71
C ASP A 304 0.68 18.86 -21.42
N PRO A 305 1.27 19.31 -20.35
CA PRO A 305 0.86 18.88 -19.05
C PRO A 305 -0.56 19.29 -18.83
N ARG A 306 -0.98 20.41 -19.46
CA ARG A 306 -2.33 20.84 -19.33
C ARG A 306 -3.18 19.80 -19.98
N HIS A 307 -2.77 19.35 -21.18
CA HIS A 307 -3.55 18.38 -21.89
C HIS A 307 -3.58 17.14 -21.07
N GLY A 308 -2.41 16.70 -20.59
CA GLY A 308 -2.36 15.46 -19.89
C GLY A 308 -3.00 15.67 -18.56
N ARG A 309 -3.50 14.58 -17.96
CA ARG A 309 -4.01 14.65 -16.63
C ARG A 309 -3.24 13.63 -15.87
N TYR A 310 -3.31 13.69 -14.53
CA TYR A 310 -2.61 12.72 -13.77
C TYR A 310 -3.62 11.83 -13.14
N LEU A 311 -3.52 10.52 -13.41
CA LEU A 311 -4.40 9.61 -12.75
C LEU A 311 -4.06 9.72 -11.30
N THR A 312 -2.75 9.74 -10.99
CA THR A 312 -2.36 10.02 -9.65
C THR A 312 -1.40 11.16 -9.72
N VAL A 313 -1.41 12.02 -8.68
CA VAL A 313 -0.46 13.08 -8.64
C VAL A 313 0.32 12.90 -7.38
N ALA A 314 1.62 13.25 -7.41
CA ALA A 314 2.37 13.24 -6.19
C ALA A 314 3.44 14.26 -6.36
N ALA A 315 3.95 14.80 -5.23
CA ALA A 315 5.00 15.74 -5.32
C ALA A 315 6.01 15.36 -4.28
N VAL A 316 7.28 15.70 -4.53
CA VAL A 316 8.29 15.48 -3.54
C VAL A 316 8.82 16.82 -3.20
N PHE A 317 9.23 17.01 -1.92
CA PHE A 317 9.67 18.30 -1.51
C PHE A 317 11.06 18.15 -0.99
N ARG A 318 11.89 19.20 -1.19
CA ARG A 318 13.18 19.20 -0.59
C ARG A 318 13.40 20.58 -0.04
N GLY A 319 14.29 20.69 0.95
CA GLY A 319 14.48 21.95 1.59
C GLY A 319 13.35 22.10 2.55
N ARG A 320 13.21 23.30 3.14
CA ARG A 320 12.10 23.50 4.04
C ARG A 320 10.88 23.61 3.18
N MET A 321 9.74 23.13 3.70
CA MET A 321 8.54 23.19 2.91
C MET A 321 7.58 24.06 3.64
N SER A 322 6.87 24.93 2.90
CA SER A 322 5.87 25.74 3.52
C SER A 322 4.66 24.89 3.71
N MET A 323 3.95 25.12 4.82
CA MET A 323 2.66 24.52 4.97
C MET A 323 1.79 25.10 3.91
N LYS A 324 1.92 26.43 3.72
CA LYS A 324 1.12 27.14 2.77
C LYS A 324 1.44 26.60 1.43
N GLU A 325 2.73 26.30 1.19
CA GLU A 325 3.13 25.86 -0.12
C GLU A 325 2.38 24.61 -0.40
N VAL A 326 2.23 23.74 0.62
CA VAL A 326 1.54 22.50 0.41
C VAL A 326 0.17 22.83 -0.06
N ASP A 327 -0.49 23.78 0.64
CA ASP A 327 -1.84 24.11 0.30
C ASP A 327 -1.84 24.62 -1.09
N GLU A 328 -0.83 25.45 -1.42
CA GLU A 328 -0.77 26.05 -2.71
C GLU A 328 -0.69 24.94 -3.69
N GLN A 329 0.12 23.92 -3.38
CA GLN A 329 0.32 22.84 -4.30
C GLN A 329 -1.01 22.20 -4.51
N MET A 330 -1.76 21.96 -3.41
CA MET A 330 -2.99 21.26 -3.54
C MET A 330 -3.90 22.09 -4.39
N LEU A 331 -3.94 23.41 -4.12
CA LEU A 331 -4.86 24.25 -4.80
C LEU A 331 -4.49 24.25 -6.25
N ASN A 332 -3.19 24.40 -6.53
CA ASN A 332 -2.75 24.58 -7.88
C ASN A 332 -3.13 23.38 -8.67
N VAL A 333 -2.94 22.19 -8.07
CA VAL A 333 -3.20 20.99 -8.80
C VAL A 333 -4.64 21.01 -9.21
N GLN A 334 -5.52 21.37 -8.26
CA GLN A 334 -6.92 21.40 -8.58
C GLN A 334 -7.10 22.46 -9.62
N ASN A 335 -6.43 23.61 -9.46
CA ASN A 335 -6.68 24.70 -10.34
C ASN A 335 -6.35 24.28 -11.73
N LYS A 336 -5.15 23.68 -11.91
CA LYS A 336 -4.66 23.50 -13.24
C LYS A 336 -5.61 22.61 -13.97
N ASN A 337 -5.93 21.43 -13.39
CA ASN A 337 -6.85 20.57 -14.05
C ASN A 337 -7.63 19.86 -13.00
N SER A 338 -8.93 19.64 -13.26
CA SER A 338 -9.67 18.68 -12.51
C SER A 338 -9.08 17.36 -12.86
N SER A 339 -8.74 17.20 -14.15
CA SER A 339 -8.23 15.98 -14.67
C SER A 339 -6.90 15.73 -14.04
N TYR A 340 -6.22 16.82 -13.62
CA TYR A 340 -4.89 16.69 -13.12
C TYR A 340 -4.95 15.77 -11.95
N PHE A 341 -5.89 16.03 -11.03
CA PHE A 341 -6.11 15.11 -9.95
C PHE A 341 -7.02 14.06 -10.45
N VAL A 342 -6.94 12.84 -9.87
CA VAL A 342 -7.86 11.84 -10.30
C VAL A 342 -9.18 12.18 -9.71
N GLU A 343 -10.26 11.91 -10.46
CA GLU A 343 -11.57 12.14 -9.95
C GLU A 343 -11.75 11.18 -8.81
N TRP A 344 -11.21 9.96 -8.95
CA TRP A 344 -11.49 8.92 -8.00
C TRP A 344 -11.07 9.40 -6.65
N ILE A 345 -9.81 9.83 -6.52
CA ILE A 345 -9.37 10.22 -5.21
C ILE A 345 -8.95 11.65 -5.27
N PRO A 346 -9.52 12.43 -4.39
CA PRO A 346 -9.23 13.81 -4.25
C PRO A 346 -7.85 13.94 -3.71
N ASN A 347 -7.17 15.08 -3.99
CA ASN A 347 -5.93 15.43 -3.39
C ASN A 347 -5.00 14.27 -3.43
N ASN A 348 -4.79 13.71 -4.64
CA ASN A 348 -3.97 12.55 -4.75
C ASN A 348 -2.59 12.90 -4.30
N VAL A 349 -2.11 14.09 -4.70
CA VAL A 349 -0.72 14.38 -4.50
C VAL A 349 -0.45 14.43 -3.03
N LYS A 350 0.64 13.76 -2.62
CA LYS A 350 1.16 13.90 -1.29
C LYS A 350 2.62 14.07 -1.45
N THR A 351 3.25 14.85 -0.54
CA THR A 351 4.66 15.08 -0.72
C THR A 351 5.34 14.77 0.57
N ALA A 352 6.62 14.37 0.47
CA ALA A 352 7.45 14.21 1.63
C ALA A 352 8.59 15.15 1.45
N VAL A 353 9.13 15.68 2.56
CA VAL A 353 10.17 16.65 2.42
C VAL A 353 11.40 16.10 3.06
N CYS A 354 12.56 16.42 2.47
CA CYS A 354 13.81 16.04 3.07
C CYS A 354 14.07 16.99 4.19
N ASP A 355 14.75 16.51 5.24
CA ASP A 355 15.09 17.38 6.33
C ASP A 355 16.01 18.42 5.79
N ILE A 356 17.00 18.01 4.99
CA ILE A 356 17.99 18.94 4.54
C ILE A 356 17.87 19.05 3.06
N PRO A 357 17.87 20.26 2.60
CA PRO A 357 17.64 20.56 1.23
C PRO A 357 18.78 19.98 0.46
N PRO A 358 18.56 19.67 -0.78
CA PRO A 358 19.50 18.90 -1.54
C PRO A 358 20.72 19.74 -1.73
N ARG A 359 21.86 19.11 -2.04
CA ARG A 359 23.03 19.87 -2.32
C ARG A 359 22.72 20.64 -3.56
N GLY A 360 23.41 21.78 -3.75
CA GLY A 360 23.00 22.65 -4.80
C GLY A 360 21.80 23.39 -4.30
N LEU A 361 20.85 23.67 -5.19
CA LEU A 361 19.74 24.50 -4.79
C LEU A 361 19.01 23.79 -3.72
N LYS A 362 18.59 24.55 -2.69
CA LYS A 362 17.91 23.97 -1.57
C LYS A 362 16.62 23.41 -2.06
N MET A 363 15.93 24.15 -2.95
CA MET A 363 14.64 23.69 -3.38
C MET A 363 14.84 22.77 -4.52
N SER A 364 14.24 21.57 -4.43
CA SER A 364 14.26 20.66 -5.53
C SER A 364 12.90 20.06 -5.58
N ALA A 365 12.47 19.63 -6.78
CA ALA A 365 11.18 19.01 -6.87
C ALA A 365 11.28 17.90 -7.86
N THR A 366 10.41 16.88 -7.70
CA THR A 366 10.31 15.85 -8.67
C THR A 366 8.89 15.82 -9.09
N PHE A 367 8.62 15.32 -10.31
CA PHE A 367 7.25 15.30 -10.74
C PHE A 367 6.77 13.90 -10.56
N ILE A 368 5.55 13.75 -10.04
CA ILE A 368 5.05 12.44 -9.75
C ILE A 368 3.70 12.34 -10.37
N GLY A 369 3.26 11.11 -10.65
CA GLY A 369 2.01 10.92 -11.33
C GLY A 369 2.34 10.79 -12.77
N ASN A 370 1.36 10.41 -13.59
CA ASN A 370 1.64 10.21 -14.98
C ASN A 370 0.76 11.13 -15.76
N SER A 371 1.17 11.42 -17.01
CA SER A 371 0.45 12.37 -17.80
C SER A 371 -0.18 11.62 -18.92
N THR A 372 -1.20 12.22 -19.55
CA THR A 372 -1.86 11.60 -20.65
C THR A 372 -0.86 11.47 -21.75
N ALA A 373 -0.03 12.51 -21.92
CA ALA A 373 0.80 12.61 -23.08
C ALA A 373 1.71 11.43 -23.12
N ILE A 374 2.28 11.05 -21.96
CA ILE A 374 3.23 9.97 -21.97
C ILE A 374 2.50 8.74 -22.41
N GLN A 375 1.29 8.53 -21.88
CA GLN A 375 0.55 7.34 -22.19
C GLN A 375 0.30 7.35 -23.65
N GLU A 376 -0.02 8.54 -24.20
CA GLU A 376 -0.25 8.65 -25.62
C GLU A 376 1.04 8.28 -26.28
N LEU A 377 2.16 8.68 -25.66
CA LEU A 377 3.45 8.52 -26.25
C LEU A 377 3.64 7.05 -26.46
N PHE A 378 3.25 6.24 -25.46
CA PHE A 378 3.41 4.82 -25.57
C PHE A 378 2.62 4.38 -26.76
N LYS A 379 1.37 4.87 -26.86
CA LYS A 379 0.50 4.42 -27.90
C LYS A 379 1.16 4.78 -29.19
N ARG A 380 1.75 5.98 -29.24
CA ARG A 380 2.36 6.43 -30.46
C ARG A 380 3.43 5.46 -30.79
N ILE A 381 4.19 5.01 -29.78
CA ILE A 381 5.33 4.19 -30.02
C ILE A 381 4.86 2.93 -30.67
N SER A 382 3.77 2.36 -30.15
CA SER A 382 3.32 1.09 -30.64
C SER A 382 2.99 1.28 -32.08
N GLU A 383 2.61 2.51 -32.46
CA GLU A 383 2.19 2.76 -33.81
C GLU A 383 3.33 2.41 -34.70
N GLN A 384 4.56 2.76 -34.29
CA GLN A 384 5.70 2.49 -35.11
C GLN A 384 5.78 1.00 -35.25
N PHE A 385 5.49 0.28 -34.15
CA PHE A 385 5.69 -1.13 -34.11
C PHE A 385 4.85 -1.75 -35.19
N THR A 386 3.58 -1.30 -35.30
CA THR A 386 2.69 -1.91 -36.23
C THR A 386 3.28 -1.77 -37.59
N ALA A 387 3.83 -0.57 -37.87
CA ALA A 387 4.44 -0.34 -39.15
C ALA A 387 5.55 -1.32 -39.27
N MET A 388 6.28 -1.54 -38.16
CA MET A 388 7.40 -2.44 -38.19
C MET A 388 6.89 -3.77 -38.57
N PHE A 389 5.72 -4.16 -38.03
CA PHE A 389 5.17 -5.45 -38.31
C PHE A 389 4.93 -5.52 -39.78
N ARG A 390 4.38 -4.43 -40.35
CA ARG A 390 4.08 -4.41 -41.75
C ARG A 390 5.37 -4.65 -42.46
N ARG A 391 6.45 -4.03 -41.93
CA ARG A 391 7.74 -4.20 -42.52
C ARG A 391 8.09 -5.65 -42.40
N LYS A 392 7.73 -6.27 -41.27
CA LYS A 392 8.23 -7.58 -40.97
C LYS A 392 9.71 -7.46 -40.95
N ALA A 393 10.19 -6.31 -40.46
CA ALA A 393 11.60 -6.07 -40.35
C ALA A 393 12.10 -6.93 -39.22
N PHE A 394 13.42 -7.14 -39.18
CA PHE A 394 13.98 -7.98 -38.16
C PHE A 394 13.39 -9.33 -38.30
N LEU A 395 12.96 -9.69 -39.54
CA LEU A 395 12.49 -11.02 -39.74
C LEU A 395 13.66 -11.92 -39.53
N HIS A 396 14.81 -11.57 -40.13
CA HIS A 396 15.98 -12.38 -40.03
C HIS A 396 16.41 -12.38 -38.60
N TRP A 397 16.41 -11.20 -37.95
CA TRP A 397 16.90 -11.12 -36.61
C TRP A 397 16.01 -11.97 -35.78
N TYR A 398 14.69 -11.90 -36.03
CA TYR A 398 13.76 -12.61 -35.23
C TYR A 398 14.10 -14.06 -35.36
N THR A 399 14.36 -14.51 -36.59
CA THR A 399 14.63 -15.89 -36.81
C THR A 399 15.86 -16.24 -36.04
N GLY A 400 16.90 -15.41 -36.16
CA GLY A 400 18.15 -15.74 -35.52
C GLY A 400 17.93 -15.79 -34.05
N GLU A 401 17.17 -14.82 -33.52
CA GLU A 401 16.94 -14.75 -32.12
C GLU A 401 16.20 -15.98 -31.74
N GLY A 402 15.24 -16.38 -32.59
CA GLY A 402 14.39 -17.47 -32.25
C GLY A 402 13.27 -16.88 -31.47
N MET A 403 13.27 -15.54 -31.33
CA MET A 403 12.20 -14.90 -30.64
C MET A 403 11.02 -14.99 -31.54
N ASP A 404 9.82 -15.14 -30.95
CA ASP A 404 8.66 -15.36 -31.75
C ASP A 404 8.34 -14.09 -32.47
N GLU A 405 7.99 -14.22 -33.77
CA GLU A 405 7.36 -13.15 -34.48
C GLU A 405 6.04 -12.96 -33.84
N MET A 406 5.41 -14.10 -33.47
CA MET A 406 4.14 -14.09 -32.82
C MET A 406 4.35 -13.39 -31.52
N GLU A 407 5.52 -13.59 -30.91
CA GLU A 407 5.80 -12.97 -29.65
C GLU A 407 5.69 -11.50 -29.85
N PHE A 408 6.19 -11.00 -31.00
CA PHE A 408 6.11 -9.59 -31.25
C PHE A 408 4.67 -9.22 -31.26
N THR A 409 3.84 -10.02 -31.94
CA THR A 409 2.45 -9.70 -32.05
C THR A 409 1.91 -9.67 -30.66
N GLU A 410 2.31 -10.65 -29.84
CA GLU A 410 1.82 -10.76 -28.50
C GLU A 410 2.21 -9.52 -27.78
N ALA A 411 3.45 -9.05 -28.01
CA ALA A 411 3.90 -7.88 -27.31
C ALA A 411 3.00 -6.76 -27.72
N GLU A 412 2.69 -6.68 -29.03
CA GLU A 412 1.88 -5.60 -29.50
C GLU A 412 0.53 -5.72 -28.85
N SER A 413 -0.02 -6.95 -28.82
CA SER A 413 -1.34 -7.10 -28.29
C SER A 413 -1.31 -6.70 -26.85
N ASN A 414 -0.33 -7.23 -26.11
CA ASN A 414 -0.28 -7.01 -24.69
C ASN A 414 -0.11 -5.55 -24.45
N MET A 415 0.83 -4.93 -25.20
CA MET A 415 1.11 -3.54 -24.99
C MET A 415 -0.15 -2.80 -25.32
N ASN A 416 -0.84 -3.24 -26.39
CA ASN A 416 -2.03 -2.58 -26.80
C ASN A 416 -3.01 -2.67 -25.69
N ASP A 417 -3.14 -3.87 -25.08
CA ASP A 417 -4.14 -4.03 -24.07
C ASP A 417 -3.81 -3.09 -22.96
N LEU A 418 -2.53 -3.09 -22.52
CA LEU A 418 -2.18 -2.31 -21.38
C LEU A 418 -2.37 -0.86 -21.72
N VAL A 419 -1.90 -0.45 -22.91
CA VAL A 419 -1.96 0.94 -23.25
C VAL A 419 -3.40 1.32 -23.33
N SER A 420 -4.22 0.44 -23.93
CA SER A 420 -5.62 0.76 -24.09
C SER A 420 -6.19 0.94 -22.73
N GLU A 421 -5.90 0.00 -21.82
CA GLU A 421 -6.50 0.06 -20.52
C GLU A 421 -6.03 1.33 -19.87
N TYR A 422 -4.72 1.61 -20.01
CA TYR A 422 -4.16 2.74 -19.32
C TYR A 422 -4.83 3.96 -19.86
N GLN A 423 -4.92 4.06 -21.20
CA GLN A 423 -5.45 5.25 -21.80
C GLN A 423 -6.88 5.35 -21.41
N GLN A 424 -7.60 4.22 -21.40
CA GLN A 424 -8.99 4.27 -21.12
C GLN A 424 -9.15 4.81 -19.74
N TYR A 425 -8.35 4.28 -18.79
CA TYR A 425 -8.47 4.71 -17.43
C TYR A 425 -8.08 6.14 -17.35
N GLN A 426 -6.98 6.52 -18.04
CA GLN A 426 -6.47 7.84 -17.92
C GLN A 426 -7.53 8.77 -18.41
N ASP A 427 -8.15 8.41 -19.56
CA ASP A 427 -9.19 9.22 -20.09
C ASP A 427 -10.30 9.23 -19.09
N ALA A 428 -10.57 8.05 -18.51
CA ALA A 428 -11.68 7.93 -17.60
C ALA A 428 -11.35 8.71 -16.37
N THR A 429 -12.40 9.17 -15.67
CA THR A 429 -12.18 9.93 -14.47
C THR A 429 -11.44 9.01 -13.50
N MET B 1 3.67 5.75 42.21
CA MET B 1 2.36 6.12 41.63
C MET B 1 2.23 5.62 40.24
N ARG B 2 1.06 5.89 39.62
CA ARG B 2 0.83 5.45 38.28
C ARG B 2 1.69 6.31 37.39
N GLU B 3 2.33 5.68 36.40
CA GLU B 3 3.12 6.45 35.49
C GLU B 3 2.72 6.05 34.12
N CYS B 4 2.59 7.03 33.21
CA CYS B 4 2.31 6.70 31.85
C CYS B 4 3.44 7.23 31.03
N ILE B 5 3.96 6.39 30.12
CA ILE B 5 4.94 6.88 29.20
C ILE B 5 4.33 6.73 27.85
N SER B 6 4.40 7.79 27.03
CA SER B 6 3.73 7.73 25.78
C SER B 6 4.53 6.84 24.88
N ILE B 7 3.82 6.18 23.95
CA ILE B 7 4.50 5.48 22.91
C ILE B 7 4.12 6.18 21.66
N HIS B 8 5.13 6.56 20.86
CA HIS B 8 4.82 7.34 19.70
C HIS B 8 5.17 6.50 18.52
N VAL B 9 4.28 6.49 17.51
CA VAL B 9 4.54 5.67 16.36
C VAL B 9 4.65 6.59 15.20
N GLY B 10 5.45 6.18 14.20
CA GLY B 10 5.54 6.93 13.00
C GLY B 10 6.55 8.00 13.25
N GLN B 11 7.04 8.61 12.17
CA GLN B 11 8.00 9.66 12.33
C GLN B 11 7.31 10.77 13.05
N ALA B 12 6.07 11.07 12.62
CA ALA B 12 5.35 12.17 13.21
C ALA B 12 5.12 11.85 14.65
N GLY B 13 4.69 10.61 14.94
CA GLY B 13 4.32 10.28 16.28
C GLY B 13 5.54 10.43 17.13
N VAL B 14 6.68 9.93 16.64
CA VAL B 14 7.90 9.99 17.39
C VAL B 14 8.21 11.44 17.56
N GLN B 15 8.07 12.22 16.48
CA GLN B 15 8.45 13.60 16.51
C GLN B 15 7.64 14.26 17.56
N ILE B 16 6.34 13.93 17.62
CA ILE B 16 5.47 14.53 18.58
C ILE B 16 6.00 14.15 19.92
N GLY B 17 6.36 12.87 20.08
CA GLY B 17 6.79 12.40 21.36
C GLY B 17 8.01 13.18 21.73
N ASN B 18 8.89 13.44 20.75
CA ASN B 18 10.10 14.14 21.08
C ASN B 18 9.70 15.48 21.62
N ALA B 19 8.79 16.17 20.90
CA ALA B 19 8.45 17.50 21.30
C ALA B 19 7.82 17.44 22.66
N CYS B 20 6.86 16.51 22.85
CA CYS B 20 6.12 16.50 24.07
C CYS B 20 7.07 16.20 25.18
N TRP B 21 7.94 15.20 24.95
CA TRP B 21 8.85 14.78 25.97
C TRP B 21 9.74 15.95 26.26
N GLU B 22 10.25 16.59 25.20
CA GLU B 22 11.19 17.65 25.37
C GLU B 22 10.51 18.72 26.15
N LEU B 23 9.23 18.99 25.82
CA LEU B 23 8.53 20.05 26.47
C LEU B 23 8.51 19.72 27.92
N TYR B 24 8.27 18.43 28.22
CA TYR B 24 8.25 18.00 29.59
C TYR B 24 9.61 18.25 30.14
N CYS B 25 10.64 17.95 29.34
CA CYS B 25 11.99 18.06 29.80
C CYS B 25 12.21 19.48 30.19
N LEU B 26 11.74 20.42 29.35
CA LEU B 26 11.96 21.81 29.66
C LEU B 26 11.28 22.07 30.96
N GLU B 27 10.07 21.53 31.14
CA GLU B 27 9.34 21.79 32.33
C GLU B 27 10.16 21.28 33.46
N HIS B 28 10.75 20.08 33.29
CA HIS B 28 11.51 19.49 34.34
C HIS B 28 12.65 20.41 34.61
N GLY B 29 13.28 20.92 33.53
CA GLY B 29 14.38 21.81 33.70
C GLY B 29 15.58 20.97 33.93
N ILE B 30 15.43 19.65 33.76
CA ILE B 30 16.52 18.74 33.95
C ILE B 30 17.31 18.73 32.69
N GLN B 31 18.65 18.76 32.81
CA GLN B 31 19.51 18.81 31.66
C GLN B 31 19.43 17.48 30.99
N PRO B 32 19.88 17.49 29.76
CA PRO B 32 19.96 16.31 28.94
C PRO B 32 20.88 15.36 29.61
N ASP B 33 21.71 15.86 30.55
CA ASP B 33 22.60 15.02 31.29
C ASP B 33 21.71 14.08 32.04
N GLY B 34 20.55 14.59 32.49
CA GLY B 34 19.64 13.80 33.26
C GLY B 34 19.73 14.31 34.65
N GLN B 35 20.85 14.95 34.99
CA GLN B 35 20.88 15.63 36.25
C GLN B 35 20.36 16.99 36.00
N MET B 36 19.31 17.40 36.75
CA MET B 36 18.73 18.68 36.52
C MET B 36 19.67 19.69 37.08
N PRO B 37 19.84 20.75 36.35
CA PRO B 37 20.46 21.94 36.87
C PRO B 37 19.60 22.37 37.99
N SER B 38 18.30 22.01 37.95
CA SER B 38 17.42 22.35 39.03
C SER B 38 17.71 21.39 40.12
N ASP B 39 17.17 21.67 41.32
CA ASP B 39 17.36 20.76 42.40
C ASP B 39 16.46 19.60 42.16
N LYS B 40 16.58 18.55 42.99
CA LYS B 40 15.76 17.40 42.79
C LYS B 40 14.35 17.86 43.00
N THR B 41 13.40 17.25 42.26
CA THR B 41 12.06 17.73 42.33
C THR B 41 11.49 17.31 43.64
N ILE B 42 10.38 17.93 44.05
CA ILE B 42 9.81 17.62 45.33
C ILE B 42 9.25 16.23 45.23
N GLY B 43 9.53 15.40 46.25
CA GLY B 43 9.08 14.05 46.20
C GLY B 43 9.92 13.37 45.18
N GLY B 44 11.16 13.84 45.01
CA GLY B 44 11.99 13.30 43.96
C GLY B 44 11.34 13.74 42.70
N GLY B 45 11.33 12.88 41.68
CA GLY B 45 10.56 13.23 40.53
C GLY B 45 9.16 13.33 41.03
N ASP B 46 8.36 14.24 40.45
CA ASP B 46 7.04 14.41 40.98
C ASP B 46 6.27 13.21 40.58
N ASP B 47 5.03 13.08 41.08
CA ASP B 47 4.25 11.95 40.68
C ASP B 47 4.12 12.06 39.21
N SER B 48 3.91 13.29 38.72
CA SER B 48 3.82 13.51 37.30
C SER B 48 5.11 13.10 36.70
N PHE B 49 6.23 13.47 37.35
CA PHE B 49 7.51 13.21 36.77
C PHE B 49 7.63 11.73 36.61
N ASN B 50 7.31 10.98 37.68
CA ASN B 50 7.43 9.56 37.64
C ASN B 50 6.50 9.07 36.60
N THR B 51 5.29 9.66 36.55
CA THR B 51 4.29 9.16 35.64
C THR B 51 4.85 9.26 34.26
N PHE B 52 5.32 10.46 33.88
CA PHE B 52 5.82 10.59 32.55
C PHE B 52 7.01 9.69 32.41
N PHE B 53 7.96 9.80 33.35
CA PHE B 53 9.13 9.00 33.25
C PHE B 53 9.38 8.38 34.58
N SER B 54 9.80 7.11 34.59
CA SER B 54 10.17 6.52 35.84
C SER B 54 11.48 7.13 36.21
N GLU B 55 11.76 7.25 37.51
CA GLU B 55 12.96 7.91 37.90
C GLU B 55 13.99 6.87 38.17
N THR B 56 15.18 7.03 37.57
CA THR B 56 16.27 6.16 37.87
C THR B 56 17.45 7.06 38.07
N GLY B 57 18.53 6.53 38.68
CA GLY B 57 19.66 7.35 38.89
C GLY B 57 19.22 8.46 39.77
N ALA B 58 18.58 8.10 40.90
CA ALA B 58 17.95 9.09 41.72
C ALA B 58 18.98 10.08 42.14
N GLY B 59 18.52 11.34 42.33
CA GLY B 59 19.43 12.43 42.51
C GLY B 59 19.65 12.97 41.14
N LYS B 60 19.25 12.17 40.14
CA LYS B 60 19.28 12.58 38.78
C LYS B 60 17.91 12.33 38.25
N HIS B 61 17.37 13.27 37.46
CA HIS B 61 16.07 13.05 36.90
C HIS B 61 16.27 12.61 35.50
N VAL B 62 16.17 11.28 35.26
CA VAL B 62 16.32 10.85 33.92
C VAL B 62 15.00 10.28 33.49
N PRO B 63 14.48 10.87 32.45
CA PRO B 63 13.20 10.49 31.93
C PRO B 63 13.34 9.12 31.38
N ARG B 64 12.26 8.32 31.40
CA ARG B 64 12.25 7.11 30.64
C ARG B 64 11.05 7.18 29.77
N ALA B 65 11.23 6.90 28.47
CA ALA B 65 10.11 6.84 27.59
C ALA B 65 10.41 5.76 26.61
N VAL B 66 9.37 5.14 26.05
CA VAL B 66 9.63 4.09 25.11
C VAL B 66 9.38 4.65 23.76
N PHE B 67 10.37 4.49 22.85
CA PHE B 67 10.18 4.93 21.50
C PHE B 67 10.44 3.73 20.65
N VAL B 68 9.68 3.60 19.55
CA VAL B 68 9.99 2.54 18.63
C VAL B 68 10.46 3.20 17.38
N ASP B 69 11.60 2.73 16.84
CA ASP B 69 12.05 3.29 15.60
C ASP B 69 11.91 2.22 14.58
N LEU B 70 10.80 2.25 13.82
CA LEU B 70 10.70 1.27 12.77
C LEU B 70 11.82 1.58 11.83
N GLU B 71 11.95 2.86 11.45
CA GLU B 71 13.06 3.27 10.65
C GLU B 71 14.18 3.60 11.57
N PRO B 72 15.37 3.32 11.11
CA PRO B 72 16.58 3.66 11.80
C PRO B 72 16.65 5.15 11.90
N THR B 73 15.92 5.86 11.02
CA THR B 73 15.99 7.29 11.02
C THR B 73 15.49 7.76 12.34
N VAL B 74 14.43 7.10 12.84
CA VAL B 74 13.84 7.51 14.07
C VAL B 74 14.89 7.39 15.11
N ILE B 75 15.69 6.31 15.06
CA ILE B 75 16.64 6.07 16.09
C ILE B 75 17.58 7.23 16.09
N ASP B 76 17.96 7.71 14.89
CA ASP B 76 18.86 8.82 14.81
C ASP B 76 18.19 9.97 15.47
N GLU B 77 16.87 10.12 15.23
CA GLU B 77 16.18 11.22 15.81
C GLU B 77 16.29 11.08 17.29
N VAL B 78 16.05 9.86 17.80
CA VAL B 78 16.03 9.68 19.23
C VAL B 78 17.39 10.04 19.74
N ARG B 79 18.44 9.49 19.11
CA ARG B 79 19.77 9.67 19.61
C ARG B 79 20.07 11.13 19.54
N THR B 80 19.61 11.79 18.47
CA THR B 80 19.93 13.18 18.29
C THR B 80 19.39 13.91 19.47
N GLY B 81 18.17 13.56 19.89
CA GLY B 81 17.52 14.33 20.91
C GLY B 81 18.30 14.19 22.18
N THR B 82 18.17 15.20 23.04
CA THR B 82 18.82 15.23 24.32
C THR B 82 18.26 14.12 25.14
N TYR B 83 16.93 13.89 25.00
CA TYR B 83 16.23 13.03 25.91
C TYR B 83 16.87 11.69 25.84
N ARG B 84 17.25 11.26 24.63
CA ARG B 84 17.82 9.96 24.48
C ARG B 84 19.03 9.91 25.33
N GLN B 85 19.79 11.02 25.37
CA GLN B 85 21.03 11.03 26.10
C GLN B 85 20.71 10.69 27.51
N LEU B 86 19.65 11.31 28.07
CA LEU B 86 19.27 11.00 29.42
C LEU B 86 18.86 9.57 29.42
N PHE B 87 18.11 9.15 28.39
CA PHE B 87 17.50 7.86 28.41
C PHE B 87 18.58 6.84 28.35
N HIS B 88 18.41 5.74 29.10
CA HIS B 88 19.30 4.64 28.93
C HIS B 88 18.90 3.98 27.65
N PRO B 89 19.87 3.44 26.98
CA PRO B 89 19.69 2.94 25.65
C PRO B 89 18.69 1.84 25.70
N GLU B 90 18.49 1.25 26.90
CA GLU B 90 17.55 0.19 27.04
C GLU B 90 16.21 0.78 26.73
N GLN B 91 15.98 2.01 27.21
CA GLN B 91 14.68 2.59 27.09
C GLN B 91 14.37 2.68 25.63
N LEU B 92 15.34 3.16 24.83
CA LEU B 92 15.07 3.31 23.44
C LEU B 92 15.01 1.94 22.85
N ILE B 93 14.01 1.71 21.98
CA ILE B 93 13.97 0.47 21.27
C ILE B 93 13.80 0.81 19.83
N THR B 94 14.54 0.13 18.94
CA THR B 94 14.37 0.38 17.54
C THR B 94 13.98 -0.91 16.91
N GLY B 95 13.01 -0.86 15.98
CA GLY B 95 12.64 -2.06 15.30
C GLY B 95 13.71 -2.36 14.31
N LYS B 96 14.05 -3.65 14.15
CA LYS B 96 14.91 -4.05 13.09
C LYS B 96 14.15 -3.81 11.82
N GLU B 97 12.84 -4.14 11.87
CA GLU B 97 12.04 -4.13 10.69
C GLU B 97 11.99 -2.74 10.17
N ASP B 98 11.81 -2.60 8.85
CA ASP B 98 11.65 -1.30 8.27
C ASP B 98 10.27 -0.88 8.64
N ALA B 99 9.83 0.29 8.14
CA ALA B 99 8.57 0.78 8.58
C ALA B 99 7.52 -0.23 8.21
N ALA B 100 7.59 -0.82 7.00
CA ALA B 100 8.31 -0.36 5.84
C ALA B 100 7.74 0.95 5.37
N ASN B 101 6.40 1.08 5.26
CA ASN B 101 5.48 -0.01 5.36
C ASN B 101 4.36 0.22 4.39
N ASN B 102 3.72 -0.87 3.96
CA ASN B 102 2.37 -0.76 3.52
C ASN B 102 1.60 -0.62 4.79
N TYR B 103 0.48 0.13 4.76
CA TYR B 103 -0.16 0.42 6.01
C TYR B 103 -0.61 -0.87 6.61
N ALA B 104 -1.30 -1.71 5.80
CA ALA B 104 -1.80 -2.93 6.35
C ALA B 104 -0.63 -3.78 6.75
N ARG B 105 0.39 -3.85 5.87
CA ARG B 105 1.42 -4.81 6.09
C ARG B 105 2.12 -4.46 7.36
N GLY B 106 2.41 -3.17 7.54
CA GLY B 106 3.38 -2.78 8.52
C GLY B 106 2.91 -3.20 9.88
N HIS B 107 1.64 -2.95 10.21
CA HIS B 107 1.27 -3.07 11.59
C HIS B 107 1.45 -4.48 12.05
N TYR B 108 0.94 -5.45 11.26
CA TYR B 108 0.99 -6.79 11.75
C TYR B 108 2.41 -7.19 11.90
N THR B 109 3.22 -6.98 10.85
CA THR B 109 4.56 -7.49 10.87
C THR B 109 5.32 -6.79 11.95
N ILE B 110 5.24 -5.45 11.96
CA ILE B 110 6.05 -4.68 12.84
C ILE B 110 5.65 -4.96 14.25
N GLY B 111 4.32 -5.00 14.49
CA GLY B 111 3.82 -4.92 15.83
C GLY B 111 4.37 -6.06 16.62
N LYS B 112 4.44 -7.24 15.99
CA LYS B 112 4.81 -8.41 16.74
C LYS B 112 6.17 -8.19 17.31
N GLU B 113 7.10 -7.66 16.49
CA GLU B 113 8.44 -7.50 16.94
C GLU B 113 8.44 -6.56 18.09
N ILE B 114 7.73 -5.42 17.94
CA ILE B 114 7.76 -4.40 18.94
C ILE B 114 7.15 -4.92 20.20
N ILE B 115 6.03 -5.65 20.07
CA ILE B 115 5.16 -5.86 21.19
C ILE B 115 5.92 -6.56 22.26
N ASP B 116 6.71 -7.58 21.91
CA ASP B 116 7.38 -8.32 22.93
C ASP B 116 8.27 -7.38 23.69
N LEU B 117 9.07 -6.59 22.95
CA LEU B 117 10.01 -5.72 23.61
C LEU B 117 9.26 -4.74 24.43
N VAL B 118 8.22 -4.12 23.82
CA VAL B 118 7.54 -3.04 24.47
C VAL B 118 6.91 -3.59 25.71
N LEU B 119 6.33 -4.79 25.62
CA LEU B 119 5.55 -5.30 26.69
C LEU B 119 6.45 -5.40 27.89
N ASP B 120 7.66 -5.91 27.69
CA ASP B 120 8.55 -6.08 28.80
C ASP B 120 8.78 -4.73 29.40
N ARG B 121 9.04 -3.73 28.53
CA ARG B 121 9.37 -2.44 29.04
C ARG B 121 8.20 -1.95 29.81
N ILE B 122 7.00 -2.16 29.25
CA ILE B 122 5.80 -1.64 29.85
C ILE B 122 5.65 -2.27 31.20
N ARG B 123 5.86 -3.59 31.27
CA ARG B 123 5.59 -4.29 32.49
C ARG B 123 6.48 -3.71 33.54
N LYS B 124 7.76 -3.50 33.19
CA LYS B 124 8.69 -3.05 34.18
C LYS B 124 8.22 -1.72 34.66
N LEU B 125 7.77 -0.85 33.73
CA LEU B 125 7.33 0.45 34.10
C LEU B 125 6.15 0.28 35.00
N ALA B 126 5.25 -0.65 34.63
CA ALA B 126 4.06 -0.83 35.40
C ALA B 126 4.49 -1.23 36.77
N ASP B 127 5.51 -2.09 36.84
CA ASP B 127 6.00 -2.52 38.12
C ASP B 127 6.49 -1.31 38.83
N GLN B 128 7.16 -0.41 38.08
CA GLN B 128 7.71 0.76 38.70
C GLN B 128 6.57 1.53 39.29
N CYS B 129 5.48 1.65 38.51
CA CYS B 129 4.36 2.41 38.98
C CYS B 129 3.70 1.62 40.07
N THR B 130 3.02 2.30 41.00
CA THR B 130 2.27 1.59 41.98
C THR B 130 1.27 0.81 41.22
N GLY B 131 0.60 1.48 40.25
CA GLY B 131 -0.25 0.79 39.34
C GLY B 131 -0.44 1.71 38.18
N LEU B 132 -0.61 1.14 36.97
CA LEU B 132 -0.82 1.99 35.84
C LEU B 132 -2.23 1.80 35.41
N GLN B 133 -2.99 2.91 35.38
CA GLN B 133 -4.34 2.83 34.91
C GLN B 133 -4.28 2.49 33.46
N GLY B 134 -3.38 3.16 32.72
CA GLY B 134 -3.30 2.91 31.31
C GLY B 134 -2.22 3.80 30.77
N PHE B 135 -1.98 3.71 29.46
CA PHE B 135 -0.91 4.48 28.89
C PHE B 135 -1.52 5.51 28.00
N LEU B 136 -0.88 6.69 27.93
CA LEU B 136 -1.23 7.64 26.93
C LEU B 136 -0.14 7.59 25.93
N VAL B 137 -0.47 7.40 24.64
CA VAL B 137 0.56 7.27 23.66
C VAL B 137 0.14 8.07 22.47
N PHE B 138 1.12 8.47 21.65
CA PHE B 138 0.79 9.21 20.47
C PHE B 138 1.10 8.33 19.30
N HIS B 139 0.24 8.36 18.27
CA HIS B 139 0.49 7.58 17.10
C HIS B 139 0.17 8.44 15.93
N SER B 140 0.74 8.11 14.76
CA SER B 140 0.46 8.90 13.60
C SER B 140 -0.42 8.09 12.71
N PHE B 141 -1.58 8.67 12.35
CA PHE B 141 -2.49 8.01 11.45
C PHE B 141 -1.84 7.91 10.12
N GLY B 142 -1.20 9.02 9.69
CA GLY B 142 -0.83 9.14 8.30
C GLY B 142 0.10 8.02 7.97
N GLY B 143 1.08 7.74 8.85
CA GLY B 143 1.97 6.67 8.54
C GLY B 143 1.19 5.42 8.62
N GLY B 144 1.48 4.46 7.71
CA GLY B 144 0.78 3.22 7.76
C GLY B 144 1.13 2.57 9.05
N THR B 145 2.42 2.64 9.42
CA THR B 145 2.89 1.99 10.61
C THR B 145 2.22 2.63 11.77
N GLY B 146 2.16 3.98 11.77
CA GLY B 146 1.73 4.66 12.95
C GLY B 146 0.34 4.24 13.25
N SER B 147 -0.52 4.22 12.21
CA SER B 147 -1.88 3.81 12.41
C SER B 147 -1.87 2.38 12.82
N GLY B 148 -1.01 1.58 12.16
CA GLY B 148 -1.04 0.16 12.33
C GLY B 148 -0.73 -0.16 13.76
N PHE B 149 0.22 0.56 14.35
CA PHE B 149 0.70 0.19 15.66
C PHE B 149 -0.45 0.28 16.60
N THR B 150 -1.25 1.36 16.50
CA THR B 150 -2.21 1.65 17.52
C THR B 150 -3.15 0.48 17.62
N SER B 151 -3.65 0.00 16.47
CA SER B 151 -4.65 -1.01 16.51
C SER B 151 -4.11 -2.21 17.20
N LEU B 152 -2.98 -2.74 16.69
CA LEU B 152 -2.46 -3.98 17.21
C LEU B 152 -2.09 -3.76 18.63
N LEU B 153 -1.38 -2.65 18.90
CA LEU B 153 -0.80 -2.41 20.18
C LEU B 153 -1.91 -2.29 21.17
N MET B 154 -2.96 -1.56 20.80
CA MET B 154 -3.93 -1.15 21.76
C MET B 154 -4.56 -2.37 22.35
N GLU B 155 -4.91 -3.36 21.51
CA GLU B 155 -5.67 -4.47 21.99
C GLU B 155 -4.86 -5.17 23.02
N ARG B 156 -3.58 -5.42 22.72
CA ARG B 156 -2.78 -6.22 23.58
C ARG B 156 -2.69 -5.52 24.91
N LEU B 157 -2.40 -4.21 24.87
CA LEU B 157 -2.20 -3.47 26.07
C LEU B 157 -3.49 -3.48 26.82
N SER B 158 -4.61 -3.33 26.09
CA SER B 158 -5.88 -3.25 26.74
C SER B 158 -6.06 -4.52 27.50
N VAL B 159 -5.69 -5.66 26.89
CA VAL B 159 -5.89 -6.92 27.53
C VAL B 159 -5.08 -6.91 28.79
N ASP B 160 -3.81 -6.48 28.69
CA ASP B 160 -2.94 -6.54 29.83
C ASP B 160 -3.51 -5.67 30.89
N TYR B 161 -3.94 -4.45 30.49
CA TYR B 161 -4.41 -3.49 31.42
C TYR B 161 -5.64 -4.03 32.06
N GLY B 162 -6.50 -4.68 31.26
CA GLY B 162 -7.74 -5.14 31.80
C GLY B 162 -8.67 -3.98 31.83
N LYS B 163 -9.45 -3.85 32.92
CA LYS B 163 -10.55 -2.94 32.91
C LYS B 163 -10.04 -1.57 32.65
N LYS B 164 -8.94 -1.16 33.32
CA LYS B 164 -8.52 0.18 33.17
C LYS B 164 -8.14 0.38 31.74
N SER B 165 -8.65 1.48 31.13
CA SER B 165 -8.44 1.69 29.73
C SER B 165 -7.15 2.44 29.57
N LYS B 166 -6.70 2.55 28.31
CA LYS B 166 -5.55 3.35 28.01
C LYS B 166 -6.06 4.54 27.27
N LEU B 167 -5.31 5.66 27.33
CA LEU B 167 -5.71 6.79 26.55
C LEU B 167 -4.93 6.72 25.28
N GLU B 168 -5.61 6.97 24.14
CA GLU B 168 -4.94 6.83 22.89
C GLU B 168 -4.87 8.19 22.27
N PHE B 169 -3.76 8.45 21.56
CA PHE B 169 -3.66 9.67 20.81
C PHE B 169 -3.59 9.28 19.38
N SER B 170 -4.25 10.05 18.51
CA SER B 170 -4.23 9.69 17.12
C SER B 170 -3.97 10.94 16.35
N ILE B 171 -3.61 10.80 15.07
CA ILE B 171 -3.46 11.94 14.23
C ILE B 171 -4.63 11.91 13.29
N TYR B 172 -5.37 13.01 13.23
CA TYR B 172 -6.53 13.04 12.39
C TYR B 172 -6.27 14.04 11.32
N PRO B 173 -6.32 13.61 10.10
CA PRO B 173 -6.12 14.48 8.98
C PRO B 173 -7.24 15.47 9.02
N ALA B 174 -6.98 16.71 8.61
CA ALA B 174 -8.08 17.63 8.54
C ALA B 174 -8.88 17.21 7.35
N PRO B 175 -10.16 17.37 7.44
CA PRO B 175 -11.04 16.91 6.40
C PRO B 175 -10.70 17.65 5.16
N GLN B 176 -10.09 18.83 5.31
CA GLN B 176 -9.88 19.68 4.17
C GLN B 176 -8.95 18.98 3.23
N VAL B 177 -7.85 18.44 3.75
CA VAL B 177 -6.91 17.81 2.89
C VAL B 177 -6.35 16.62 3.61
N SER B 178 -5.90 15.61 2.85
CA SER B 178 -5.29 14.48 3.48
C SER B 178 -3.85 14.50 3.10
N THR B 179 -2.98 14.08 4.03
CA THR B 179 -1.58 14.11 3.73
C THR B 179 -1.36 13.20 2.58
N ALA B 180 -1.92 11.98 2.67
CA ALA B 180 -1.78 11.03 1.61
C ALA B 180 -3.03 10.24 1.57
N VAL B 181 -3.23 9.51 0.45
CA VAL B 181 -4.37 8.66 0.31
C VAL B 181 -4.26 7.61 1.36
N VAL B 182 -3.01 7.15 1.62
CA VAL B 182 -2.78 6.00 2.41
C VAL B 182 -3.38 6.21 3.76
N GLU B 183 -3.23 7.42 4.31
CA GLU B 183 -3.61 7.63 5.68
C GLU B 183 -5.06 7.30 5.84
N PRO B 184 -5.95 7.79 5.01
CA PRO B 184 -7.34 7.53 5.20
C PRO B 184 -7.57 6.06 5.12
N TYR B 185 -6.67 5.34 4.42
CA TYR B 185 -6.78 3.92 4.33
C TYR B 185 -6.61 3.41 5.72
N ASN B 186 -5.60 3.94 6.41
CA ASN B 186 -5.26 3.50 7.74
C ASN B 186 -6.41 3.83 8.62
N SER B 187 -7.01 5.01 8.39
CA SER B 187 -7.88 5.61 9.36
C SER B 187 -8.98 4.68 9.69
N ILE B 188 -9.73 4.20 8.68
CA ILE B 188 -10.92 3.48 9.00
C ILE B 188 -10.55 2.24 9.74
N LEU B 189 -9.58 1.48 9.21
CA LEU B 189 -9.30 0.20 9.82
C LEU B 189 -8.79 0.46 11.20
N THR B 190 -7.85 1.39 11.34
CA THR B 190 -7.28 1.60 12.64
C THR B 190 -8.37 2.04 13.55
N THR B 191 -9.15 3.03 13.11
CA THR B 191 -10.03 3.73 14.00
C THR B 191 -11.02 2.77 14.55
N HIS B 192 -11.66 1.97 13.68
CA HIS B 192 -12.77 1.20 14.15
C HIS B 192 -12.28 0.25 15.19
N THR B 193 -11.18 -0.47 14.89
CA THR B 193 -10.67 -1.42 15.84
C THR B 193 -10.25 -0.67 17.05
N THR B 194 -9.49 0.42 16.86
CA THR B 194 -8.84 1.08 17.96
C THR B 194 -9.89 1.62 18.87
N LEU B 195 -10.96 2.19 18.31
CA LEU B 195 -11.88 2.98 19.10
C LEU B 195 -12.43 2.11 20.16
N GLU B 196 -12.82 0.87 19.80
CA GLU B 196 -13.45 0.03 20.78
C GLU B 196 -12.46 -0.19 21.88
N HIS B 197 -11.21 -0.50 21.52
CA HIS B 197 -10.24 -0.81 22.53
C HIS B 197 -10.05 0.41 23.37
N SER B 198 -9.82 1.56 22.72
CA SER B 198 -9.44 2.73 23.45
C SER B 198 -10.64 3.23 24.17
N ASP B 199 -10.41 3.75 25.40
CA ASP B 199 -11.48 4.41 26.08
C ASP B 199 -11.81 5.63 25.30
N CYS B 200 -10.77 6.38 24.90
CA CYS B 200 -10.98 7.61 24.19
C CYS B 200 -10.01 7.66 23.07
N ALA B 201 -10.15 8.69 22.21
CA ALA B 201 -9.17 8.92 21.20
C ALA B 201 -8.85 10.38 21.26
N PHE B 202 -7.63 10.75 20.83
CA PHE B 202 -7.31 12.14 20.76
C PHE B 202 -7.32 12.51 19.32
N MET B 203 -7.93 13.67 18.99
CA MET B 203 -7.98 14.08 17.62
C MET B 203 -7.20 15.35 17.53
N VAL B 204 -6.39 15.47 16.46
CA VAL B 204 -5.70 16.70 16.22
C VAL B 204 -5.96 17.06 14.80
N ASP B 205 -6.06 18.37 14.51
CA ASP B 205 -6.18 18.76 13.14
C ASP B 205 -4.83 19.23 12.72
N ASN B 206 -4.17 18.45 11.85
CA ASN B 206 -2.82 18.77 11.49
C ASN B 206 -2.84 20.10 10.81
N GLU B 207 -3.73 20.26 9.82
CA GLU B 207 -3.78 21.48 9.09
C GLU B 207 -4.20 22.57 10.03
N ALA B 208 -5.24 22.29 10.85
CA ALA B 208 -5.83 23.32 11.64
C ALA B 208 -4.81 23.84 12.58
N ILE B 209 -4.05 22.94 13.22
CA ILE B 209 -3.10 23.38 14.20
C ILE B 209 -2.12 24.23 13.48
N TYR B 210 -1.72 23.80 12.28
CA TYR B 210 -0.75 24.54 11.53
C TYR B 210 -1.34 25.89 11.29
N ASP B 211 -2.62 25.93 10.89
CA ASP B 211 -3.25 27.18 10.58
C ASP B 211 -3.25 28.03 11.80
N ILE B 212 -3.60 27.44 12.96
CA ILE B 212 -3.78 28.23 14.14
C ILE B 212 -2.48 28.86 14.47
N CYS B 213 -1.40 28.06 14.42
CA CYS B 213 -0.09 28.58 14.68
C CYS B 213 0.17 29.60 13.64
N ARG B 214 -0.28 29.31 12.41
CA ARG B 214 0.08 30.13 11.29
C ARG B 214 -0.41 31.50 11.55
N ARG B 215 -1.65 31.65 12.04
CA ARG B 215 -2.17 32.98 12.19
C ARG B 215 -1.36 33.72 13.21
N ASN B 216 -1.18 33.15 14.41
CA ASN B 216 -0.60 33.92 15.47
C ASN B 216 0.82 34.24 15.14
N LEU B 217 1.57 33.22 14.71
CA LEU B 217 2.96 33.40 14.38
C LEU B 217 2.99 34.35 13.22
N ASP B 218 1.98 34.18 12.35
CA ASP B 218 1.91 34.88 11.11
C ASP B 218 3.04 34.41 10.25
N ILE B 219 3.60 33.24 10.57
CA ILE B 219 4.43 32.56 9.62
C ILE B 219 3.83 31.21 9.42
N GLU B 220 3.41 30.91 8.19
CA GLU B 220 2.92 29.59 7.92
C GLU B 220 4.09 28.67 8.06
N ARG B 221 5.22 29.06 7.44
CA ARG B 221 6.40 28.26 7.47
C ARG B 221 7.53 29.21 7.25
N PRO B 222 8.70 28.89 7.70
CA PRO B 222 8.97 27.80 8.58
C PRO B 222 8.37 28.15 9.90
N THR B 223 8.20 27.17 10.82
CA THR B 223 8.58 25.81 10.56
C THR B 223 7.39 24.96 10.87
N TYR B 224 7.37 23.74 10.34
CA TYR B 224 6.37 22.78 10.69
C TYR B 224 6.59 22.47 12.13
N THR B 225 7.86 22.33 12.54
CA THR B 225 8.20 21.88 13.85
C THR B 225 7.61 22.85 14.81
N ASN B 226 7.68 24.15 14.48
CA ASN B 226 7.17 25.16 15.36
C ASN B 226 5.72 24.86 15.58
N LEU B 227 5.02 24.48 14.50
CA LEU B 227 3.63 24.16 14.62
C LEU B 227 3.56 23.02 15.59
N ASN B 228 4.52 22.09 15.46
CA ASN B 228 4.56 20.92 16.28
C ASN B 228 4.69 21.36 17.70
N ARG B 229 5.50 22.42 17.94
CA ARG B 229 5.77 22.82 19.29
C ARG B 229 4.47 23.15 19.93
N LEU B 230 3.60 23.87 19.22
CA LEU B 230 2.36 24.28 19.81
C LEU B 230 1.61 23.05 20.14
N ILE B 231 1.62 22.07 19.22
CA ILE B 231 0.88 20.86 19.42
C ILE B 231 1.41 20.21 20.65
N SER B 232 2.75 20.17 20.78
CA SER B 232 3.34 19.55 21.93
C SER B 232 2.86 20.32 23.11
N GLN B 233 2.81 21.66 22.99
CA GLN B 233 2.48 22.45 24.13
C GLN B 233 1.09 22.12 24.56
N ILE B 234 0.14 22.04 23.60
CA ILE B 234 -1.22 21.88 23.99
C ILE B 234 -1.37 20.56 24.65
N VAL B 235 -0.81 19.50 24.05
CA VAL B 235 -0.96 18.20 24.64
C VAL B 235 -0.31 18.24 25.97
N SER B 236 0.88 18.87 26.05
CA SER B 236 1.61 18.89 27.27
C SER B 236 0.77 19.58 28.31
N SER B 237 0.07 20.65 27.90
CA SER B 237 -0.62 21.45 28.87
C SER B 237 -1.62 20.59 29.58
N ILE B 238 -2.44 19.86 28.81
CA ILE B 238 -3.55 19.18 29.41
C ILE B 238 -3.03 18.18 30.39
N THR B 239 -2.02 17.38 29.96
CA THR B 239 -1.50 16.38 30.83
C THR B 239 -0.88 17.09 31.99
N ALA B 240 -0.20 18.20 31.70
CA ALA B 240 0.58 18.88 32.70
C ALA B 240 -0.34 19.29 33.79
N SER B 241 -1.54 19.79 33.43
CA SER B 241 -2.43 20.30 34.45
C SER B 241 -2.75 19.17 35.38
N LEU B 242 -3.08 17.99 34.81
CA LEU B 242 -3.46 16.89 35.64
C LEU B 242 -2.26 16.54 36.47
N ARG B 243 -1.07 16.60 35.86
CA ARG B 243 0.13 16.23 36.55
C ARG B 243 0.26 17.14 37.72
N PHE B 244 0.01 18.44 37.48
CA PHE B 244 0.20 19.43 38.49
C PHE B 244 -0.84 19.22 39.53
N ASP B 245 -0.53 19.62 40.78
CA ASP B 245 -1.47 19.44 41.83
C ASP B 245 -2.64 20.29 41.50
N GLY B 246 -3.85 19.86 41.94
CA GLY B 246 -5.00 20.64 41.66
C GLY B 246 -5.81 20.68 42.91
N ALA B 247 -6.55 21.77 43.13
CA ALA B 247 -7.44 21.79 44.25
C ALA B 247 -8.39 20.68 44.01
N LEU B 248 -8.89 20.61 42.76
CA LEU B 248 -9.56 19.42 42.33
C LEU B 248 -8.78 18.90 41.18
N ASN B 249 -8.35 17.63 41.26
CA ASN B 249 -7.69 17.07 40.13
C ASN B 249 -8.55 15.95 39.65
N VAL B 250 -8.77 15.88 38.34
CA VAL B 250 -9.54 14.79 37.82
C VAL B 250 -8.64 14.03 36.91
N ASP B 251 -8.78 12.69 36.92
CA ASP B 251 -8.01 11.94 35.97
C ASP B 251 -8.63 12.19 34.64
N LEU B 252 -7.81 12.14 33.58
CA LEU B 252 -8.29 12.50 32.28
C LEU B 252 -9.36 11.53 31.91
N THR B 253 -9.12 10.24 32.20
CA THR B 253 -10.04 9.22 31.78
C THR B 253 -11.35 9.51 32.43
N GLU B 254 -11.32 9.84 33.73
CA GLU B 254 -12.54 10.07 34.43
C GLU B 254 -13.20 11.22 33.77
N PHE B 255 -12.42 12.27 33.46
CA PHE B 255 -13.00 13.47 32.93
C PHE B 255 -13.63 13.13 31.62
N GLN B 256 -12.91 12.39 30.76
CA GLN B 256 -13.41 12.08 29.46
C GLN B 256 -14.64 11.26 29.67
N THR B 257 -14.60 10.37 30.68
CA THR B 257 -15.72 9.53 30.95
C THR B 257 -16.86 10.45 31.23
N ASN B 258 -16.59 11.51 32.01
CA ASN B 258 -17.61 12.47 32.31
C ASN B 258 -18.04 13.06 31.01
N LEU B 259 -17.07 13.35 30.13
CA LEU B 259 -17.36 14.13 28.97
C LEU B 259 -18.39 13.41 28.17
N VAL B 260 -18.19 12.10 27.93
CA VAL B 260 -19.18 11.43 27.14
C VAL B 260 -19.98 10.58 28.05
N PRO B 261 -21.26 10.83 28.04
CA PRO B 261 -22.21 10.03 28.74
C PRO B 261 -22.15 8.67 28.13
N TYR B 262 -21.68 8.57 26.88
CA TYR B 262 -21.69 7.31 26.21
C TYR B 262 -20.30 7.04 25.74
N PRO B 263 -19.99 5.78 25.72
CA PRO B 263 -18.80 5.26 25.14
C PRO B 263 -18.85 5.53 23.68
N ARG B 264 -20.03 5.93 23.16
CA ARG B 264 -20.21 6.05 21.74
C ARG B 264 -19.18 7.01 21.25
N ILE B 265 -19.01 8.14 21.96
CA ILE B 265 -17.92 8.98 21.58
C ILE B 265 -16.82 8.69 22.55
N HIS B 266 -15.91 7.80 22.13
CA HIS B 266 -14.79 7.44 22.95
C HIS B 266 -13.94 8.66 23.06
N PHE B 267 -13.74 9.35 21.92
CA PHE B 267 -12.72 10.35 21.85
C PHE B 267 -13.36 11.69 22.01
N PRO B 268 -12.91 12.38 23.02
CA PRO B 268 -13.16 13.77 23.21
C PRO B 268 -12.46 14.50 22.12
N LEU B 269 -12.92 15.72 21.77
CA LEU B 269 -12.17 16.52 20.86
C LEU B 269 -11.15 17.24 21.67
N ALA B 270 -10.03 17.64 21.05
CA ALA B 270 -9.04 18.38 21.78
C ALA B 270 -9.05 19.77 21.25
N THR B 271 -8.96 20.76 22.16
CA THR B 271 -8.92 22.12 21.73
C THR B 271 -7.87 22.80 22.54
N TYR B 272 -7.30 23.90 22.02
CA TYR B 272 -6.45 24.70 22.85
C TYR B 272 -6.93 26.11 22.76
N ALA B 273 -7.01 26.80 23.91
CA ALA B 273 -7.35 28.18 23.88
C ALA B 273 -6.92 28.77 25.18
N PRO B 274 -6.87 30.07 25.23
CA PRO B 274 -6.89 30.90 24.07
C PRO B 274 -5.60 30.68 23.37
N VAL B 275 -5.56 30.89 22.04
CA VAL B 275 -4.29 30.99 21.39
C VAL B 275 -3.86 32.42 21.52
N ILE B 276 -2.58 32.65 21.84
CA ILE B 276 -2.15 34.00 21.96
C ILE B 276 -0.95 34.17 21.08
N SER B 277 -0.90 35.29 20.33
CA SER B 277 0.29 35.60 19.62
C SER B 277 1.24 36.19 20.59
N ALA B 278 2.55 36.11 20.30
CA ALA B 278 3.52 36.69 21.17
C ALA B 278 3.27 38.16 21.20
N GLU B 279 2.98 38.73 20.01
CA GLU B 279 2.85 40.14 19.85
C GLU B 279 1.72 40.59 20.71
N LYS B 280 0.62 39.81 20.71
CA LYS B 280 -0.56 40.24 21.40
C LYS B 280 -0.21 40.40 22.83
N ALA B 281 0.60 39.47 23.36
CA ALA B 281 0.98 39.53 24.74
C ALA B 281 1.69 40.82 24.93
N TYR B 282 2.54 41.20 23.95
CA TYR B 282 3.31 42.38 24.09
C TYR B 282 2.34 43.52 24.22
N HIS B 283 1.32 43.55 23.36
CA HIS B 283 0.41 44.66 23.38
C HIS B 283 -0.22 44.69 24.74
N GLU B 284 -0.80 43.56 25.17
CA GLU B 284 -1.49 43.57 26.42
C GLU B 284 -1.48 42.19 26.98
N GLN B 285 -1.79 42.07 28.28
CA GLN B 285 -1.99 40.78 28.86
C GLN B 285 -3.35 40.34 28.47
N LEU B 286 -3.56 39.02 28.34
CA LEU B 286 -4.86 38.54 27.97
C LEU B 286 -5.74 38.72 29.15
N SER B 287 -7.00 39.13 28.91
CA SER B 287 -7.94 39.24 29.99
C SER B 287 -8.51 37.89 30.19
N VAL B 288 -9.13 37.65 31.36
CA VAL B 288 -9.78 36.38 31.56
C VAL B 288 -10.85 36.30 30.54
N ALA B 289 -11.60 37.41 30.36
CA ALA B 289 -12.73 37.41 29.49
C ALA B 289 -12.22 37.10 28.12
N GLU B 290 -11.08 37.71 27.74
CA GLU B 290 -10.58 37.49 26.42
C GLU B 290 -10.31 36.04 26.31
N ILE B 291 -9.81 35.43 27.40
CA ILE B 291 -9.50 34.04 27.38
C ILE B 291 -10.77 33.33 27.07
N THR B 292 -11.86 33.74 27.75
CA THR B 292 -13.09 33.03 27.64
C THR B 292 -13.55 33.12 26.21
N ASN B 293 -13.50 34.34 25.65
CA ASN B 293 -14.00 34.51 24.31
C ASN B 293 -13.15 33.70 23.40
N ALA B 294 -11.82 33.77 23.61
CA ALA B 294 -10.92 33.15 22.69
C ALA B 294 -11.22 31.69 22.69
N CYS B 295 -11.44 31.11 23.88
CA CYS B 295 -11.58 29.70 23.97
C CYS B 295 -12.74 29.28 23.13
N PHE B 296 -13.86 30.02 23.25
CA PHE B 296 -15.05 29.61 22.55
C PHE B 296 -14.79 29.67 21.08
N GLU B 297 -14.18 30.78 20.62
CA GLU B 297 -14.19 31.07 19.21
C GLU B 297 -13.48 29.98 18.50
N PRO B 298 -14.07 29.59 17.39
CA PRO B 298 -13.70 28.38 16.72
C PRO B 298 -12.29 28.46 16.23
N ALA B 299 -11.76 29.67 16.03
CA ALA B 299 -10.42 29.75 15.54
C ALA B 299 -9.55 29.12 16.58
N ASN B 300 -9.83 29.43 17.85
CA ASN B 300 -9.00 28.98 18.92
C ASN B 300 -9.04 27.49 18.95
N GLN B 301 -10.25 26.91 18.78
CA GLN B 301 -10.34 25.49 18.93
C GLN B 301 -9.50 24.87 17.88
N MET B 302 -8.87 23.73 18.20
CA MET B 302 -7.85 23.21 17.35
C MET B 302 -8.47 22.93 16.02
N VAL B 303 -9.62 22.24 16.01
CA VAL B 303 -10.24 21.96 14.75
C VAL B 303 -11.03 23.16 14.39
N LYS B 304 -10.97 23.57 13.11
CA LYS B 304 -11.83 24.65 12.70
C LYS B 304 -13.19 24.07 12.59
N CYS B 305 -14.18 24.75 13.19
CA CYS B 305 -15.53 24.27 13.07
C CYS B 305 -16.43 25.44 13.22
N ASP B 306 -17.66 25.30 12.70
CA ASP B 306 -18.67 26.26 13.02
C ASP B 306 -19.39 25.70 14.19
N PRO B 307 -19.46 26.44 15.25
CA PRO B 307 -19.95 25.92 16.49
C PRO B 307 -21.36 25.45 16.29
N ARG B 308 -22.12 26.14 15.41
CA ARG B 308 -23.44 25.67 15.10
C ARG B 308 -23.29 24.37 14.39
N HIS B 309 -22.37 24.34 13.40
CA HIS B 309 -22.28 23.20 12.53
C HIS B 309 -21.94 22.03 13.38
N GLY B 310 -20.92 22.17 14.25
CA GLY B 310 -20.59 21.07 15.10
C GLY B 310 -21.62 21.03 16.17
N LYS B 311 -21.82 19.84 16.77
CA LYS B 311 -22.64 19.79 17.94
C LYS B 311 -21.77 19.29 19.03
N TYR B 312 -21.96 19.81 20.26
CA TYR B 312 -21.21 19.28 21.34
C TYR B 312 -22.17 18.52 22.17
N MET B 313 -22.00 17.18 22.23
CA MET B 313 -22.85 16.44 23.09
C MET B 313 -22.56 16.93 24.46
N ALA B 314 -21.25 17.04 24.77
CA ALA B 314 -20.84 17.76 25.95
C ALA B 314 -19.61 18.50 25.57
N CYS B 315 -19.45 19.71 26.13
CA CYS B 315 -18.22 20.41 25.90
C CYS B 315 -17.68 20.78 27.23
N CYS B 316 -16.40 20.44 27.48
CA CYS B 316 -15.78 20.86 28.69
C CYS B 316 -14.44 21.39 28.33
N LEU B 317 -13.94 22.37 29.10
CA LEU B 317 -12.60 22.79 28.85
C LEU B 317 -11.83 22.60 30.11
N LEU B 318 -10.80 21.74 30.07
CA LEU B 318 -9.91 21.63 31.19
C LEU B 318 -9.01 22.81 31.12
N TYR B 319 -8.63 23.36 32.28
CA TYR B 319 -7.76 24.50 32.24
C TYR B 319 -6.54 24.15 33.01
N ARG B 320 -5.37 24.62 32.59
CA ARG B 320 -4.23 24.48 33.42
C ARG B 320 -4.34 25.40 34.56
N GLY B 321 -3.42 25.14 35.50
CA GLY B 321 -3.21 26.08 36.54
C GLY B 321 -4.50 26.20 37.29
N ASP B 322 -4.74 27.45 37.75
CA ASP B 322 -5.89 28.01 38.42
C ASP B 322 -6.71 28.76 37.45
N VAL B 323 -7.97 28.30 37.45
CA VAL B 323 -9.07 28.94 36.84
C VAL B 323 -9.44 30.07 37.68
N VAL B 324 -9.52 31.21 37.01
CA VAL B 324 -9.83 32.42 37.64
C VAL B 324 -11.28 32.45 37.61
N PRO B 325 -11.60 33.06 38.68
CA PRO B 325 -12.91 33.39 39.12
C PRO B 325 -13.67 33.98 38.01
N LYS B 326 -12.95 34.74 37.19
CA LYS B 326 -13.49 35.51 36.12
C LYS B 326 -13.97 34.62 35.08
N ASP B 327 -13.09 33.61 34.91
CA ASP B 327 -12.97 32.70 33.81
C ASP B 327 -14.18 31.87 33.91
N VAL B 328 -14.40 31.43 35.19
CA VAL B 328 -15.51 30.69 35.74
C VAL B 328 -16.72 31.53 35.63
N ASN B 329 -16.65 32.82 36.06
CA ASN B 329 -17.88 33.57 36.05
C ASN B 329 -18.36 33.60 34.63
N ALA B 330 -17.46 33.88 33.66
CA ALA B 330 -17.73 34.20 32.29
C ALA B 330 -18.38 33.04 31.60
N ALA B 331 -18.01 31.81 32.01
CA ALA B 331 -18.25 30.51 31.43
C ALA B 331 -19.69 30.15 31.43
N ILE B 332 -20.40 30.45 32.53
CA ILE B 332 -21.74 29.93 32.62
C ILE B 332 -22.43 30.59 31.48
N ALA B 333 -22.24 31.94 31.36
CA ALA B 333 -22.90 32.87 30.45
C ALA B 333 -22.66 32.40 29.06
N THR B 334 -21.40 32.05 28.77
CA THR B 334 -21.07 31.56 27.47
C THR B 334 -21.87 30.33 27.12
N ILE B 335 -21.92 29.38 28.07
CA ILE B 335 -22.50 28.09 27.85
C ILE B 335 -24.00 28.34 27.52
N LYS B 336 -24.58 29.25 28.33
CA LYS B 336 -25.93 29.73 28.31
C LYS B 336 -26.22 30.25 26.94
N THR B 337 -25.34 31.07 26.34
CA THR B 337 -25.73 31.71 25.13
C THR B 337 -25.68 30.71 24.04
N LYS B 338 -24.87 29.67 24.31
CA LYS B 338 -24.42 28.93 23.18
C LYS B 338 -25.50 27.97 22.95
N ARG B 339 -26.17 28.11 21.78
CA ARG B 339 -27.26 27.33 21.31
C ARG B 339 -26.65 26.03 21.02
N SER B 340 -25.42 26.14 20.49
CA SER B 340 -24.86 25.11 19.68
C SER B 340 -24.83 23.87 20.52
N ILE B 341 -24.83 24.04 21.85
CA ILE B 341 -24.52 22.93 22.70
C ILE B 341 -25.74 22.08 22.84
N GLN B 342 -25.41 20.81 22.94
CA GLN B 342 -26.42 19.89 22.73
C GLN B 342 -26.70 19.40 24.09
N PHE B 343 -27.66 18.49 24.14
CA PHE B 343 -27.98 18.11 25.45
C PHE B 343 -27.98 16.69 25.39
N VAL B 344 -27.81 16.14 26.58
CA VAL B 344 -28.16 14.82 26.84
C VAL B 344 -29.59 14.86 27.30
N ASP B 345 -30.27 13.74 27.05
CA ASP B 345 -31.67 13.58 27.17
C ASP B 345 -31.98 13.47 28.61
N TRP B 346 -31.18 12.56 29.24
CA TRP B 346 -31.45 12.03 30.55
C TRP B 346 -31.38 13.21 31.49
N CYS B 347 -30.13 13.65 31.80
CA CYS B 347 -29.78 14.43 32.98
C CYS B 347 -28.66 15.41 32.80
N PRO B 348 -29.06 16.41 33.42
CA PRO B 348 -28.37 17.64 33.19
C PRO B 348 -27.16 17.56 33.99
N THR B 349 -27.19 16.69 35.01
CA THR B 349 -26.09 16.62 35.89
C THR B 349 -25.22 15.62 35.26
N GLY B 350 -24.21 15.30 36.06
CA GLY B 350 -23.08 14.48 35.76
C GLY B 350 -21.95 15.28 35.27
N PHE B 351 -21.93 16.63 35.37
CA PHE B 351 -20.58 16.92 34.92
C PHE B 351 -19.72 17.24 36.06
N LYS B 352 -18.53 17.77 35.75
CA LYS B 352 -17.64 18.40 36.69
C LYS B 352 -17.00 19.50 35.97
N VAL B 353 -16.68 20.46 36.77
CA VAL B 353 -15.94 21.50 36.26
C VAL B 353 -14.93 21.43 37.31
N GLY B 354 -13.75 22.02 37.06
CA GLY B 354 -12.64 21.53 37.81
C GLY B 354 -11.57 22.57 37.72
N ILE B 355 -10.82 22.76 38.81
CA ILE B 355 -9.76 23.72 38.79
C ILE B 355 -8.55 23.04 39.34
N ASN B 356 -7.36 23.44 38.86
CA ASN B 356 -6.18 22.89 39.45
C ASN B 356 -5.64 23.92 40.38
N TYR B 357 -5.16 23.46 41.54
CA TYR B 357 -4.73 24.31 42.59
C TYR B 357 -3.56 25.09 42.08
N GLN B 358 -2.64 24.40 41.38
CA GLN B 358 -1.42 25.03 41.00
C GLN B 358 -1.72 26.14 40.06
N PRO B 359 -0.93 27.17 40.19
CA PRO B 359 -1.10 28.39 39.46
C PRO B 359 -0.82 28.08 38.03
N PRO B 360 -1.28 28.90 37.13
CA PRO B 360 -1.14 28.65 35.73
C PRO B 360 0.32 28.59 35.44
N THR B 361 0.73 27.69 34.51
CA THR B 361 2.12 27.60 34.21
C THR B 361 2.26 27.81 32.76
N VAL B 362 3.41 28.37 32.33
CA VAL B 362 3.65 28.54 30.93
C VAL B 362 4.74 27.59 30.57
N VAL B 363 4.63 26.94 29.40
CA VAL B 363 5.65 26.02 29.03
C VAL B 363 6.81 26.82 28.54
N PRO B 364 7.97 26.43 28.97
CA PRO B 364 9.17 27.17 28.71
C PRO B 364 9.45 27.08 27.24
N GLY B 365 10.10 28.11 26.68
CA GLY B 365 10.55 28.02 25.32
C GLY B 365 9.35 28.06 24.44
N GLY B 366 8.22 28.54 24.97
CA GLY B 366 7.04 28.57 24.16
C GLY B 366 7.32 29.52 23.04
N ASP B 367 6.99 29.10 21.80
CA ASP B 367 7.22 29.95 20.68
C ASP B 367 6.34 31.15 20.83
N LEU B 368 5.07 30.91 21.19
CA LEU B 368 4.12 31.98 21.33
C LEU B 368 4.35 32.61 22.65
N ALA B 369 3.85 33.86 22.81
CA ALA B 369 3.93 34.49 24.09
C ALA B 369 3.09 33.68 25.01
N LYS B 370 3.46 33.67 26.31
CA LYS B 370 2.79 32.79 27.23
C LYS B 370 1.39 33.28 27.37
N VAL B 371 0.46 32.33 27.58
CA VAL B 371 -0.91 32.70 27.80
C VAL B 371 -1.16 32.49 29.25
N GLN B 372 -2.00 33.34 29.86
CA GLN B 372 -2.24 33.19 31.26
C GLN B 372 -2.88 31.85 31.44
N ARG B 373 -3.85 31.52 30.57
CA ARG B 373 -4.45 30.23 30.66
C ARG B 373 -4.22 29.53 29.38
N ALA B 374 -3.80 28.26 29.46
CA ALA B 374 -3.87 27.39 28.32
C ALA B 374 -4.93 26.40 28.66
N VAL B 375 -5.83 26.12 27.72
CA VAL B 375 -6.93 25.28 28.08
C VAL B 375 -7.14 24.30 26.98
N CYS B 376 -7.71 23.13 27.32
CA CYS B 376 -8.15 22.24 26.30
C CYS B 376 -9.61 22.07 26.51
N MET B 377 -10.33 21.69 25.44
CA MET B 377 -11.71 21.37 25.66
C MET B 377 -11.94 20.02 25.08
N LEU B 378 -12.72 19.19 25.79
CA LEU B 378 -13.14 17.95 25.21
C LEU B 378 -14.57 18.12 24.86
N SER B 379 -14.93 17.77 23.61
CA SER B 379 -16.29 17.91 23.21
C SER B 379 -16.48 16.99 22.06
N ASN B 380 -17.72 16.92 21.54
CA ASN B 380 -17.93 16.22 20.32
C ASN B 380 -17.88 17.25 19.25
N THR B 381 -17.16 16.96 18.14
CA THR B 381 -17.02 17.97 17.14
C THR B 381 -17.63 17.45 15.88
N THR B 382 -18.23 18.37 15.12
CA THR B 382 -18.75 18.03 13.83
C THR B 382 -17.58 17.68 12.97
N ALA B 383 -16.47 18.40 13.15
CA ALA B 383 -15.38 18.35 12.21
C ALA B 383 -14.92 16.94 12.11
N ILE B 384 -14.85 16.23 13.24
CA ILE B 384 -14.39 14.87 13.16
C ILE B 384 -15.36 14.14 12.29
N ALA B 385 -16.68 14.34 12.52
CA ALA B 385 -17.66 13.61 11.78
C ALA B 385 -17.52 13.97 10.34
N GLU B 386 -17.37 15.27 10.03
CA GLU B 386 -17.32 15.71 8.67
C GLU B 386 -16.11 15.11 8.06
N ALA B 387 -15.00 15.08 8.81
CA ALA B 387 -13.80 14.50 8.32
C ALA B 387 -14.12 13.07 8.04
N TRP B 388 -14.91 12.45 8.93
CA TRP B 388 -15.27 11.08 8.75
C TRP B 388 -16.00 10.98 7.45
N ALA B 389 -16.96 11.89 7.22
CA ALA B 389 -17.74 11.79 6.02
C ALA B 389 -16.81 11.95 4.86
N ARG B 390 -15.89 12.92 4.95
CA ARG B 390 -15.02 13.22 3.86
C ARG B 390 -14.20 11.99 3.59
N LEU B 391 -13.69 11.38 4.67
CA LEU B 391 -12.89 10.21 4.52
C LEU B 391 -13.75 9.17 3.89
N ASP B 392 -15.01 9.09 4.33
CA ASP B 392 -15.90 8.08 3.86
C ASP B 392 -16.06 8.27 2.39
N HIS B 393 -16.24 9.54 1.96
CA HIS B 393 -16.51 9.78 0.58
C HIS B 393 -15.35 9.28 -0.20
N LYS B 394 -14.13 9.65 0.24
CA LYS B 394 -12.96 9.25 -0.48
C LYS B 394 -12.91 7.76 -0.45
N PHE B 395 -13.20 7.18 0.72
CA PHE B 395 -13.05 5.76 0.91
C PHE B 395 -13.96 5.07 -0.03
N ASP B 396 -15.22 5.54 -0.13
CA ASP B 396 -16.16 4.88 -0.98
C ASP B 396 -15.63 4.97 -2.37
N LEU B 397 -15.08 6.15 -2.73
CA LEU B 397 -14.58 6.33 -4.06
C LEU B 397 -13.49 5.34 -4.25
N MET B 398 -12.66 5.17 -3.21
CA MET B 398 -11.56 4.26 -3.28
C MET B 398 -12.14 2.90 -3.49
N TYR B 399 -13.25 2.62 -2.81
CA TYR B 399 -13.84 1.32 -2.87
C TYR B 399 -14.26 1.10 -4.28
N ALA B 400 -14.89 2.11 -4.90
CA ALA B 400 -15.33 1.96 -6.26
C ALA B 400 -14.11 1.71 -7.08
N LYS B 401 -13.03 2.45 -6.78
CA LYS B 401 -11.83 2.35 -7.55
C LYS B 401 -11.32 0.95 -7.44
N ARG B 402 -11.42 0.39 -6.21
CA ARG B 402 -10.76 -0.85 -5.93
C ARG B 402 -9.31 -0.64 -6.15
N ALA B 403 -8.86 0.60 -5.90
CA ALA B 403 -7.47 0.92 -6.04
C ALA B 403 -6.77 0.40 -4.82
N PHE B 404 -5.45 0.18 -4.95
CA PHE B 404 -4.64 -0.14 -3.81
C PHE B 404 -5.16 -1.40 -3.19
N VAL B 405 -5.78 -2.27 -4.00
CA VAL B 405 -6.14 -3.55 -3.50
C VAL B 405 -4.86 -4.23 -3.15
N HIS B 406 -3.85 -4.05 -4.01
CA HIS B 406 -2.65 -4.83 -3.94
C HIS B 406 -2.01 -4.61 -2.61
N TRP B 407 -2.00 -3.36 -2.12
CA TRP B 407 -1.28 -3.09 -0.90
C TRP B 407 -1.90 -3.93 0.17
N TYR B 408 -3.24 -3.88 0.27
CA TYR B 408 -3.92 -4.61 1.30
C TYR B 408 -3.65 -6.06 1.04
N VAL B 409 -3.70 -6.47 -0.25
CA VAL B 409 -3.56 -7.84 -0.59
C VAL B 409 -2.24 -8.30 -0.08
N GLY B 410 -1.21 -7.45 -0.22
CA GLY B 410 0.10 -7.82 0.19
C GLY B 410 0.02 -8.12 1.67
N GLU B 411 -0.72 -7.28 2.41
CA GLU B 411 -0.89 -7.52 3.80
C GLU B 411 -1.58 -8.84 3.92
N GLY B 412 -2.53 -9.08 3.01
CA GLY B 412 -3.36 -10.24 3.12
C GLY B 412 -4.54 -9.84 3.93
N MET B 413 -4.61 -8.53 4.24
CA MET B 413 -5.73 -8.04 4.99
C MET B 413 -6.90 -8.13 4.07
N GLU B 414 -8.09 -8.43 4.63
CA GLU B 414 -9.21 -8.70 3.80
C GLU B 414 -9.70 -7.42 3.23
N GLU B 415 -10.10 -7.43 1.96
CA GLU B 415 -10.79 -6.31 1.39
C GLU B 415 -12.08 -6.24 2.14
N GLY B 416 -12.69 -7.41 2.39
CA GLY B 416 -13.95 -7.45 3.04
C GLY B 416 -13.80 -6.85 4.39
N GLU B 417 -12.67 -7.15 5.07
CA GLU B 417 -12.50 -6.61 6.39
C GLU B 417 -12.45 -5.13 6.24
N PHE B 418 -11.75 -4.65 5.21
CA PHE B 418 -11.61 -3.23 5.00
C PHE B 418 -12.98 -2.68 4.79
N SER B 419 -13.78 -3.32 3.92
CA SER B 419 -15.07 -2.77 3.66
C SER B 419 -15.83 -2.79 4.94
N GLU B 420 -15.63 -3.83 5.74
CA GLU B 420 -16.33 -3.97 6.98
C GLU B 420 -15.94 -2.81 7.83
N ALA B 421 -14.63 -2.48 7.83
CA ALA B 421 -14.17 -1.41 8.68
C ALA B 421 -14.86 -0.17 8.25
N ARG B 422 -14.98 0.03 6.93
CA ARG B 422 -15.60 1.22 6.43
C ARG B 422 -17.00 1.23 6.93
N GLU B 423 -17.68 0.07 6.84
CA GLU B 423 -19.05 0.01 7.22
C GLU B 423 -19.12 0.35 8.68
N ASP B 424 -18.20 -0.23 9.47
CA ASP B 424 -18.24 -0.04 10.88
C ASP B 424 -18.07 1.42 11.14
N MET B 425 -17.13 2.05 10.41
CA MET B 425 -16.86 3.42 10.67
C MET B 425 -18.12 4.17 10.38
N ALA B 426 -18.79 3.81 9.27
CA ALA B 426 -19.99 4.51 8.91
C ALA B 426 -20.97 4.29 10.02
N ALA B 427 -21.04 3.05 10.53
CA ALA B 427 -22.01 2.78 11.55
C ALA B 427 -21.69 3.65 12.73
N LEU B 428 -20.39 3.73 13.08
CA LEU B 428 -20.03 4.47 14.25
C LEU B 428 -20.39 5.90 14.02
N GLU B 429 -20.02 6.44 12.83
CA GLU B 429 -20.24 7.83 12.60
C GLU B 429 -21.71 8.08 12.63
N LYS B 430 -22.49 7.22 11.93
CA LYS B 430 -23.89 7.45 11.82
C LYS B 430 -24.49 7.35 13.19
N ASP B 431 -24.06 6.33 13.96
CA ASP B 431 -24.61 6.15 15.28
C ASP B 431 -24.27 7.38 16.05
N TYR B 432 -23.02 7.84 15.90
CA TYR B 432 -22.55 8.95 16.66
C TYR B 432 -23.38 10.14 16.30
N GLU B 433 -23.65 10.34 15.00
CA GLU B 433 -24.45 11.46 14.62
C GLU B 433 -25.80 11.28 15.23
N GLU B 434 -26.34 10.04 15.16
CA GLU B 434 -27.67 9.81 15.60
C GLU B 434 -27.76 10.12 17.06
N VAL B 435 -26.79 9.61 17.84
CA VAL B 435 -26.84 9.85 19.25
C VAL B 435 -26.67 11.32 19.45
N GLY B 436 -25.84 11.95 18.62
CA GLY B 436 -25.51 13.33 18.83
C GLY B 436 -26.77 14.11 18.78
N VAL B 437 -27.67 13.78 17.82
CA VAL B 437 -28.89 14.50 17.77
C VAL B 437 -29.69 14.08 18.96
N ASP B 438 -30.38 15.05 19.60
CA ASP B 438 -31.11 14.73 20.77
C ASP B 438 -32.41 14.04 20.34
N LYS C 39 -25.61 -18.84 -19.91
CA LYS C 39 -24.56 -17.82 -19.64
C LYS C 39 -24.04 -17.99 -18.26
N ASN C 40 -23.63 -16.88 -17.63
CA ASN C 40 -23.13 -16.99 -16.30
C ASN C 40 -24.30 -17.28 -15.43
N ILE C 41 -24.07 -18.07 -14.35
CA ILE C 41 -25.13 -18.37 -13.44
C ILE C 41 -24.71 -17.87 -12.11
N GLN C 42 -25.66 -17.31 -11.33
CA GLN C 42 -25.31 -16.90 -10.00
C GLN C 42 -25.08 -18.16 -9.25
N VAL C 43 -24.33 -18.07 -8.14
CA VAL C 43 -23.91 -19.26 -7.48
C VAL C 43 -25.13 -19.95 -6.95
N VAL C 44 -25.13 -21.29 -7.06
CA VAL C 44 -26.06 -22.07 -6.31
C VAL C 44 -25.39 -22.29 -5.01
N VAL C 45 -26.13 -22.15 -3.90
CA VAL C 45 -25.45 -22.15 -2.64
C VAL C 45 -25.54 -23.52 -2.10
N ARG C 46 -24.38 -24.08 -1.72
CA ARG C 46 -24.40 -25.23 -0.88
C ARG C 46 -23.80 -24.75 0.39
N CYS C 47 -24.46 -25.00 1.54
CA CYS C 47 -23.91 -24.45 2.73
C CYS C 47 -23.11 -25.52 3.39
N ARG C 48 -21.93 -25.13 3.91
CA ARG C 48 -21.13 -26.09 4.60
C ARG C 48 -21.85 -26.36 5.88
N PRO C 49 -21.76 -27.56 6.34
CA PRO C 49 -22.41 -27.94 7.55
C PRO C 49 -21.80 -27.10 8.60
N PHE C 50 -22.49 -26.93 9.74
CA PHE C 50 -22.03 -26.01 10.74
C PHE C 50 -20.64 -26.43 11.09
N ASN C 51 -19.71 -25.46 11.05
CA ASN C 51 -18.33 -25.79 11.06
C ASN C 51 -18.04 -26.36 12.40
N LEU C 52 -17.11 -27.33 12.45
CA LEU C 52 -16.65 -27.80 13.72
C LEU C 52 -15.94 -26.64 14.34
N ALA C 53 -15.14 -25.95 13.52
CA ALA C 53 -14.43 -24.80 14.00
C ALA C 53 -15.45 -23.80 14.43
N GLU C 54 -16.54 -23.68 13.65
CA GLU C 54 -17.57 -22.75 13.99
C GLU C 54 -18.09 -23.18 15.31
N ARG C 55 -18.18 -24.50 15.50
CA ARG C 55 -18.63 -25.08 16.73
C ARG C 55 -17.68 -24.67 17.80
N LYS C 56 -16.39 -24.61 17.47
CA LYS C 56 -15.41 -24.27 18.46
C LYS C 56 -15.79 -22.91 18.95
N ALA C 57 -16.14 -22.01 18.03
CA ALA C 57 -16.62 -20.71 18.40
C ALA C 57 -17.87 -20.92 19.18
N SER C 58 -18.69 -21.89 18.73
CA SER C 58 -19.97 -22.15 19.29
C SER C 58 -20.82 -20.95 19.01
N ALA C 59 -20.36 -20.10 18.08
CA ALA C 59 -21.19 -19.01 17.67
C ALA C 59 -22.19 -19.56 16.71
N HIS C 60 -23.37 -18.93 16.65
CA HIS C 60 -24.32 -19.25 15.63
C HIS C 60 -23.80 -18.64 14.38
N SER C 61 -24.08 -19.29 13.24
CA SER C 61 -23.69 -18.67 12.01
C SER C 61 -24.56 -17.47 11.87
N ILE C 62 -24.01 -16.38 11.31
CA ILE C 62 -24.82 -15.22 11.16
C ILE C 62 -25.93 -15.60 10.27
N VAL C 63 -25.60 -16.27 9.15
CA VAL C 63 -26.64 -16.79 8.32
C VAL C 63 -27.10 -18.06 8.92
N GLU C 64 -28.40 -18.34 8.84
CA GLU C 64 -28.85 -19.65 9.19
C GLU C 64 -28.91 -20.40 7.91
N CYS C 65 -28.20 -21.54 7.84
CA CYS C 65 -28.11 -22.21 6.58
C CYS C 65 -29.40 -22.95 6.38
N ASP C 66 -30.28 -22.40 5.52
CA ASP C 66 -31.54 -23.04 5.31
C ASP C 66 -31.70 -23.22 3.85
N PRO C 67 -31.60 -24.44 3.42
CA PRO C 67 -31.74 -24.79 2.05
C PRO C 67 -33.12 -24.41 1.62
N VAL C 68 -34.06 -24.40 2.56
CA VAL C 68 -35.42 -24.12 2.24
C VAL C 68 -35.48 -22.72 1.73
N ARG C 69 -34.75 -21.81 2.40
CA ARG C 69 -34.81 -20.43 2.04
C ARG C 69 -34.36 -20.34 0.64
N LYS C 70 -33.30 -21.10 0.30
CA LYS C 70 -32.66 -20.94 -0.98
C LYS C 70 -32.13 -19.56 -0.99
N GLU C 71 -31.89 -19.02 0.22
CA GLU C 71 -31.24 -17.77 0.38
C GLU C 71 -30.59 -17.84 1.72
N VAL C 72 -29.54 -17.04 1.95
CA VAL C 72 -29.01 -16.95 3.27
C VAL C 72 -28.96 -15.51 3.62
N SER C 73 -29.16 -15.18 4.92
CA SER C 73 -29.01 -13.83 5.33
C SER C 73 -28.18 -13.86 6.58
N VAL C 74 -27.33 -12.83 6.76
CA VAL C 74 -26.59 -12.69 7.97
C VAL C 74 -27.27 -11.59 8.69
N ARG C 75 -27.29 -11.63 10.03
CA ARG C 75 -28.08 -10.63 10.68
C ARG C 75 -27.38 -9.33 10.50
N THR C 76 -28.04 -8.39 9.79
CA THR C 76 -27.52 -7.06 9.73
C THR C 76 -27.60 -6.52 11.12
N GLY C 77 -28.74 -6.76 11.78
CA GLY C 77 -28.90 -6.33 13.14
C GLY C 77 -27.84 -7.03 13.92
N GLY C 78 -27.61 -8.32 13.60
CA GLY C 78 -26.59 -9.03 14.29
C GLY C 78 -27.03 -9.09 15.72
N LEU C 79 -26.10 -8.80 16.63
CA LEU C 79 -26.45 -8.81 18.01
C LEU C 79 -27.50 -7.76 18.17
N ALA C 80 -27.27 -6.59 17.54
CA ALA C 80 -28.17 -5.51 17.76
C ALA C 80 -29.51 -5.96 17.29
N ASP C 81 -29.58 -6.54 16.09
CA ASP C 81 -30.84 -7.07 15.66
C ASP C 81 -30.59 -8.44 15.13
N LYS C 82 -30.84 -9.47 15.95
CA LYS C 82 -30.73 -10.80 15.43
C LYS C 82 -31.75 -10.90 14.35
N SER C 83 -32.96 -10.37 14.63
CA SER C 83 -34.02 -10.46 13.70
C SER C 83 -33.57 -9.80 12.45
N SER C 84 -33.06 -8.57 12.58
CA SER C 84 -32.67 -7.88 11.39
C SER C 84 -31.53 -8.65 10.81
N ARG C 85 -31.59 -8.91 9.49
CA ARG C 85 -30.46 -9.51 8.85
C ARG C 85 -30.40 -8.95 7.47
N LYS C 86 -29.17 -8.76 6.95
CA LYS C 86 -29.02 -8.54 5.56
C LYS C 86 -29.22 -9.88 4.96
N THR C 87 -29.97 -9.94 3.86
CA THR C 87 -30.23 -11.23 3.27
C THR C 87 -29.66 -11.20 1.90
N TYR C 88 -29.14 -12.36 1.46
CA TYR C 88 -28.69 -12.46 0.12
C TYR C 88 -29.45 -13.58 -0.48
N THR C 89 -29.85 -13.42 -1.75
CA THR C 89 -30.58 -14.47 -2.37
C THR C 89 -29.78 -14.92 -3.54
N PHE C 90 -29.86 -16.23 -3.82
CA PHE C 90 -29.20 -16.77 -4.97
C PHE C 90 -30.20 -17.63 -5.64
N ASP C 91 -29.84 -18.20 -6.81
CA ASP C 91 -30.80 -19.00 -7.50
C ASP C 91 -31.15 -20.12 -6.57
N MET C 92 -30.13 -20.70 -5.92
CA MET C 92 -30.44 -21.58 -4.84
C MET C 92 -29.53 -21.21 -3.72
N VAL C 93 -30.01 -21.31 -2.47
CA VAL C 93 -29.10 -21.26 -1.38
C VAL C 93 -29.38 -22.47 -0.56
N PHE C 94 -28.33 -23.05 0.07
CA PHE C 94 -28.56 -24.29 0.72
C PHE C 94 -28.08 -24.14 2.12
N GLY C 95 -28.63 -24.96 3.03
CA GLY C 95 -28.26 -24.91 4.41
C GLY C 95 -27.09 -25.80 4.57
N ALA C 96 -26.62 -25.95 5.83
CA ALA C 96 -25.53 -26.81 6.14
C ALA C 96 -25.95 -28.18 5.76
N SER C 97 -27.24 -28.49 6.03
CA SER C 97 -27.74 -29.81 5.80
C SER C 97 -27.53 -30.12 4.37
N THR C 98 -27.65 -29.09 3.49
CA THR C 98 -27.50 -29.37 2.10
C THR C 98 -26.08 -29.78 1.89
N LYS C 99 -25.86 -30.62 0.86
CA LYS C 99 -24.55 -31.15 0.64
C LYS C 99 -24.13 -30.70 -0.71
N GLN C 100 -22.83 -30.85 -1.01
CA GLN C 100 -22.32 -30.56 -2.31
C GLN C 100 -22.97 -31.52 -3.25
N ILE C 101 -23.22 -32.76 -2.78
CA ILE C 101 -23.77 -33.74 -3.65
C ILE C 101 -25.11 -33.27 -4.14
N ASP C 102 -25.90 -32.67 -3.23
CA ASP C 102 -27.25 -32.35 -3.56
C ASP C 102 -27.25 -31.46 -4.76
N VAL C 103 -26.45 -30.39 -4.72
CA VAL C 103 -26.32 -29.54 -5.86
C VAL C 103 -25.69 -30.34 -6.95
N TYR C 104 -24.72 -31.19 -6.57
CA TYR C 104 -23.79 -31.75 -7.51
C TYR C 104 -24.54 -32.54 -8.53
N ARG C 105 -25.51 -33.37 -8.09
CA ARG C 105 -26.20 -34.19 -9.05
C ARG C 105 -26.91 -33.29 -10.01
N SER C 106 -27.57 -32.24 -9.49
CA SER C 106 -28.38 -31.41 -10.33
C SER C 106 -27.50 -30.80 -11.36
N VAL C 107 -26.36 -30.24 -10.90
CA VAL C 107 -25.46 -29.54 -11.77
C VAL C 107 -24.93 -30.54 -12.75
N VAL C 108 -24.77 -31.79 -12.29
CA VAL C 108 -23.97 -32.75 -12.97
C VAL C 108 -24.48 -32.91 -14.37
N CYS C 109 -25.81 -33.03 -14.54
CA CYS C 109 -26.32 -33.31 -15.85
C CYS C 109 -25.93 -32.22 -16.79
N PRO C 110 -26.15 -30.96 -16.47
CA PRO C 110 -25.98 -29.94 -17.45
C PRO C 110 -24.54 -29.87 -17.85
N ILE C 111 -23.66 -30.47 -17.04
CA ILE C 111 -22.25 -30.31 -17.22
C ILE C 111 -21.87 -30.89 -18.54
N LEU C 112 -22.43 -32.06 -18.87
CA LEU C 112 -21.97 -32.79 -20.01
C LEU C 112 -22.18 -31.94 -21.22
N ASP C 113 -23.32 -31.25 -21.29
CA ASP C 113 -23.71 -30.61 -22.51
C ASP C 113 -22.65 -29.64 -22.93
N GLU C 114 -22.15 -28.82 -21.98
CA GLU C 114 -21.22 -27.80 -22.36
C GLU C 114 -20.02 -28.48 -22.92
N VAL C 115 -19.54 -29.53 -22.22
CA VAL C 115 -18.32 -30.18 -22.58
C VAL C 115 -18.49 -30.83 -23.92
N ILE C 116 -19.63 -31.49 -24.13
CA ILE C 116 -19.79 -32.29 -25.31
C ILE C 116 -19.66 -31.39 -26.49
N MET C 117 -20.29 -30.21 -26.41
CA MET C 117 -20.27 -29.26 -27.48
C MET C 117 -18.84 -28.90 -27.67
N GLY C 118 -18.09 -28.85 -26.56
CA GLY C 118 -16.78 -28.29 -26.62
C GLY C 118 -16.93 -26.90 -26.14
N TYR C 119 -18.18 -26.53 -25.81
CA TYR C 119 -18.38 -25.26 -25.17
C TYR C 119 -17.57 -25.32 -23.93
N ASN C 120 -16.74 -24.29 -23.71
CA ASN C 120 -15.90 -24.34 -22.56
C ASN C 120 -16.78 -24.19 -21.37
N CYS C 121 -16.53 -25.01 -20.35
CA CYS C 121 -17.28 -24.90 -19.14
C CYS C 121 -16.28 -24.57 -18.08
N THR C 122 -16.69 -23.72 -17.12
CA THR C 122 -15.86 -23.51 -15.99
C THR C 122 -16.78 -23.48 -14.81
N ILE C 123 -16.27 -23.84 -13.62
CA ILE C 123 -17.06 -23.68 -12.45
C ILE C 123 -16.24 -22.97 -11.44
N PHE C 124 -16.85 -22.03 -10.72
CA PHE C 124 -16.14 -21.42 -9.64
C PHE C 124 -17.00 -21.57 -8.45
N ALA C 125 -16.39 -21.77 -7.27
CA ALA C 125 -17.18 -21.87 -6.09
C ALA C 125 -16.88 -20.66 -5.28
N TYR C 126 -17.91 -20.09 -4.63
CA TYR C 126 -17.69 -18.89 -3.91
C TYR C 126 -18.03 -19.18 -2.49
N GLY C 127 -17.11 -18.82 -1.57
CA GLY C 127 -17.36 -19.06 -0.18
C GLY C 127 -16.12 -18.68 0.57
N GLN C 128 -16.22 -18.64 1.91
CA GLN C 128 -15.11 -18.32 2.76
C GLN C 128 -14.22 -19.52 2.81
N THR C 129 -13.00 -19.35 3.33
CA THR C 129 -12.12 -20.47 3.39
C THR C 129 -12.72 -21.42 4.37
N GLY C 130 -12.52 -22.73 4.15
CA GLY C 130 -13.06 -23.69 5.05
C GLY C 130 -14.52 -23.80 4.72
N THR C 131 -14.91 -23.19 3.59
CA THR C 131 -16.29 -23.23 3.20
C THR C 131 -16.62 -24.65 2.91
N GLY C 132 -15.64 -25.39 2.36
CA GLY C 132 -16.01 -26.57 1.67
C GLY C 132 -16.20 -26.13 0.26
N LYS C 133 -15.63 -24.96 -0.06
CA LYS C 133 -15.66 -24.53 -1.41
C LYS C 133 -14.91 -25.56 -2.17
N THR C 134 -13.71 -25.93 -1.68
CA THR C 134 -12.99 -26.99 -2.32
C THR C 134 -13.74 -28.26 -2.09
N PHE C 135 -14.28 -28.45 -0.86
CA PHE C 135 -14.74 -29.75 -0.48
C PHE C 135 -15.85 -30.12 -1.39
N THR C 136 -16.82 -29.21 -1.53
CA THR C 136 -17.97 -29.46 -2.36
C THR C 136 -17.46 -29.59 -3.76
N MET C 137 -16.52 -28.70 -4.14
CA MET C 137 -16.11 -28.63 -5.50
C MET C 137 -15.55 -29.96 -5.89
N GLU C 138 -14.65 -30.50 -5.06
CA GLU C 138 -14.11 -31.80 -5.34
C GLU C 138 -15.23 -32.77 -5.23
N GLY C 139 -16.03 -32.64 -4.16
CA GLY C 139 -16.95 -33.68 -3.83
C GLY C 139 -16.15 -34.66 -3.04
N GLU C 140 -16.80 -35.70 -2.49
CA GLU C 140 -16.07 -36.62 -1.70
C GLU C 140 -16.04 -37.91 -2.45
N ARG C 141 -14.87 -38.56 -2.48
CA ARG C 141 -14.84 -39.89 -3.01
C ARG C 141 -15.27 -40.77 -1.90
N SER C 142 -16.01 -41.86 -2.22
CA SER C 142 -16.44 -42.70 -1.15
C SER C 142 -15.20 -43.25 -0.54
N PRO C 143 -15.28 -43.50 0.73
CA PRO C 143 -14.09 -43.69 1.50
C PRO C 143 -13.41 -44.91 0.99
N ASN C 144 -12.08 -44.96 1.11
CA ASN C 144 -11.33 -46.06 0.60
C ASN C 144 -11.64 -46.16 -0.86
N GLU C 145 -11.99 -45.03 -1.48
CA GLU C 145 -12.30 -44.96 -2.88
C GLU C 145 -13.24 -46.08 -3.21
N GLU C 146 -14.32 -46.20 -2.43
CA GLU C 146 -15.26 -47.25 -2.70
C GLU C 146 -15.78 -46.97 -4.06
N TYR C 147 -16.02 -45.67 -4.34
CA TYR C 147 -16.39 -45.27 -5.66
C TYR C 147 -15.33 -44.35 -6.12
N THR C 148 -15.10 -44.31 -7.44
CA THR C 148 -14.15 -43.36 -7.93
C THR C 148 -14.81 -42.03 -7.80
N TRP C 149 -14.07 -40.96 -8.11
CA TRP C 149 -14.58 -39.64 -7.91
C TRP C 149 -15.83 -39.54 -8.72
N GLU C 150 -15.75 -40.00 -9.99
CA GLU C 150 -16.86 -39.83 -10.87
C GLU C 150 -18.03 -40.55 -10.28
N GLU C 151 -17.78 -41.76 -9.75
CA GLU C 151 -18.86 -42.57 -9.31
C GLU C 151 -19.56 -41.86 -8.20
N ASP C 152 -18.78 -41.26 -7.27
CA ASP C 152 -19.39 -40.75 -6.08
C ASP C 152 -20.34 -39.66 -6.44
N PRO C 153 -21.57 -39.82 -6.04
CA PRO C 153 -22.47 -38.73 -5.87
C PRO C 153 -21.85 -37.88 -4.83
N LEU C 154 -21.04 -38.49 -3.95
CA LEU C 154 -20.42 -37.77 -2.88
C LEU C 154 -19.52 -36.79 -3.52
N ALA C 155 -18.81 -37.24 -4.58
CA ALA C 155 -17.97 -36.35 -5.31
C ALA C 155 -18.86 -35.32 -5.89
N GLY C 156 -18.28 -34.18 -6.27
CA GLY C 156 -19.08 -33.06 -6.65
C GLY C 156 -19.57 -33.31 -8.03
N ILE C 157 -20.08 -32.25 -8.67
CA ILE C 157 -20.71 -32.37 -9.94
C ILE C 157 -19.70 -32.92 -10.88
N ILE C 158 -18.47 -32.39 -10.79
CA ILE C 158 -17.50 -32.62 -11.80
C ILE C 158 -17.26 -34.09 -11.94
N PRO C 159 -16.99 -34.82 -10.88
CA PRO C 159 -16.59 -36.18 -11.03
C PRO C 159 -17.66 -36.97 -11.72
N ARG C 160 -18.93 -36.74 -11.34
CA ARG C 160 -19.99 -37.50 -11.92
C ARG C 160 -20.04 -37.15 -13.37
N THR C 161 -19.95 -35.84 -13.65
CA THR C 161 -20.09 -35.42 -15.00
C THR C 161 -18.99 -36.05 -15.77
N LEU C 162 -17.79 -36.16 -15.16
CA LEU C 162 -16.69 -36.72 -15.86
C LEU C 162 -17.06 -38.12 -16.23
N HIS C 163 -17.65 -38.87 -15.27
CA HIS C 163 -18.00 -40.23 -15.55
C HIS C 163 -19.01 -40.22 -16.64
N GLN C 164 -20.00 -39.32 -16.54
CA GLN C 164 -21.07 -39.30 -17.48
C GLN C 164 -20.50 -39.03 -18.82
N ILE C 165 -19.47 -38.16 -18.86
CA ILE C 165 -18.83 -37.83 -20.10
C ILE C 165 -18.26 -39.09 -20.64
N PHE C 166 -17.75 -39.96 -19.75
CA PHE C 166 -17.17 -41.18 -20.21
C PHE C 166 -18.21 -41.91 -20.98
N GLU C 167 -19.41 -42.08 -20.39
CA GLU C 167 -20.41 -42.83 -21.08
C GLU C 167 -20.77 -42.07 -22.31
N LYS C 168 -20.87 -40.73 -22.18
CA LYS C 168 -21.38 -39.92 -23.24
C LYS C 168 -20.48 -40.08 -24.41
N LEU C 169 -19.16 -40.09 -24.16
CA LEU C 169 -18.21 -40.22 -25.22
C LEU C 169 -18.48 -41.53 -25.86
N THR C 170 -18.73 -42.55 -25.02
CA THR C 170 -18.97 -43.86 -25.54
C THR C 170 -20.16 -43.76 -26.43
N ASP C 171 -21.21 -43.09 -25.95
CA ASP C 171 -22.43 -43.03 -26.71
C ASP C 171 -22.12 -42.32 -28.00
N ASN C 172 -21.37 -41.22 -27.92
CA ASN C 172 -21.13 -40.41 -29.08
C ASN C 172 -20.37 -41.25 -30.04
N GLY C 173 -19.33 -41.95 -29.56
CA GLY C 173 -18.54 -42.76 -30.43
C GLY C 173 -17.61 -41.81 -31.13
N THR C 174 -17.60 -40.55 -30.69
CA THR C 174 -16.73 -39.60 -31.30
C THR C 174 -15.38 -39.84 -30.73
N GLU C 175 -14.34 -39.29 -31.38
CA GLU C 175 -13.04 -39.42 -30.82
C GLU C 175 -13.00 -38.45 -29.70
N PHE C 176 -12.78 -38.94 -28.49
CA PHE C 176 -12.62 -38.02 -27.41
C PHE C 176 -11.26 -38.27 -26.84
N SER C 177 -10.49 -37.19 -26.66
CA SER C 177 -9.26 -37.33 -25.96
C SER C 177 -9.24 -36.21 -24.98
N VAL C 178 -8.66 -36.43 -23.80
CA VAL C 178 -8.56 -35.29 -22.95
C VAL C 178 -7.11 -34.97 -22.82
N LYS C 179 -6.72 -33.75 -23.20
CA LYS C 179 -5.38 -33.34 -22.96
C LYS C 179 -5.41 -32.67 -21.64
N VAL C 180 -4.47 -33.02 -20.75
CA VAL C 180 -4.63 -32.52 -19.42
C VAL C 180 -3.51 -31.57 -19.17
N SER C 181 -3.84 -30.44 -18.53
CA SER C 181 -2.82 -29.57 -18.04
C SER C 181 -3.18 -29.28 -16.63
N LEU C 182 -2.17 -29.15 -15.76
CA LEU C 182 -2.47 -28.82 -14.40
C LEU C 182 -2.11 -27.39 -14.22
N LEU C 183 -2.99 -26.65 -13.52
CA LEU C 183 -2.59 -25.33 -13.15
C LEU C 183 -2.58 -25.30 -11.65
N GLU C 184 -1.39 -25.45 -11.05
CA GLU C 184 -1.29 -25.09 -9.67
C GLU C 184 -0.54 -23.81 -9.69
N ILE C 185 -1.10 -22.76 -9.04
CA ILE C 185 -0.55 -21.47 -9.27
C ILE C 185 0.20 -21.08 -8.04
N TYR C 186 1.53 -20.97 -8.19
CA TYR C 186 2.34 -20.38 -7.16
C TYR C 186 3.06 -19.25 -7.81
N ASN C 187 2.90 -18.03 -7.26
CA ASN C 187 3.51 -16.88 -7.84
C ASN C 187 3.12 -16.83 -9.27
N GLU C 188 1.83 -17.14 -9.55
CA GLU C 188 1.34 -17.13 -10.90
C GLU C 188 2.23 -18.00 -11.71
N GLU C 189 2.63 -19.15 -11.14
CA GLU C 189 3.35 -20.12 -11.90
C GLU C 189 2.44 -21.30 -12.01
N LEU C 190 2.39 -21.91 -13.21
CA LEU C 190 1.50 -23.02 -13.37
C LEU C 190 2.32 -24.24 -13.36
N PHE C 191 1.85 -25.29 -12.68
CA PHE C 191 2.61 -26.50 -12.72
C PHE C 191 1.69 -27.56 -13.20
N ASP C 192 2.18 -28.42 -14.11
CA ASP C 192 1.34 -29.45 -14.63
C ASP C 192 1.68 -30.71 -13.90
N LEU C 193 1.26 -30.80 -12.63
CA LEU C 193 1.33 -32.06 -11.97
C LEU C 193 0.35 -32.92 -12.67
N LEU C 194 -0.81 -32.31 -13.01
CA LEU C 194 -1.87 -33.03 -13.64
C LEU C 194 -1.31 -33.53 -14.92
N ASN C 195 -0.57 -32.67 -15.64
CA ASN C 195 -0.09 -33.14 -16.91
C ASN C 195 0.86 -34.25 -16.63
N PRO C 196 0.75 -35.28 -17.40
CA PRO C 196 1.39 -36.53 -17.10
C PRO C 196 2.86 -36.30 -17.10
N SER C 197 3.33 -35.23 -17.75
CA SER C 197 4.73 -34.99 -17.73
C SER C 197 5.09 -34.60 -16.33
N SER C 198 6.31 -34.96 -15.89
CA SER C 198 6.71 -34.62 -14.56
C SER C 198 6.75 -33.13 -14.52
N ASP C 199 7.24 -32.54 -15.62
CA ASP C 199 7.40 -31.13 -15.65
C ASP C 199 6.04 -30.53 -15.70
N VAL C 200 5.95 -29.24 -15.32
CA VAL C 200 4.73 -28.51 -15.50
C VAL C 200 4.63 -28.17 -16.94
N SER C 201 3.40 -28.07 -17.47
CA SER C 201 3.29 -27.81 -18.87
C SER C 201 3.84 -26.45 -19.11
N GLU C 202 4.29 -26.19 -20.34
CA GLU C 202 4.84 -24.90 -20.64
C GLU C 202 3.70 -23.94 -20.61
N ARG C 203 4.00 -22.65 -20.44
CA ARG C 203 2.95 -21.68 -20.51
C ARG C 203 2.40 -21.75 -21.89
N LEU C 204 1.06 -21.70 -22.00
CA LEU C 204 0.51 -21.61 -23.30
C LEU C 204 0.70 -20.20 -23.73
N GLN C 205 0.84 -19.99 -25.04
CA GLN C 205 1.12 -18.68 -25.50
C GLN C 205 -0.09 -17.86 -25.26
N MET C 206 0.09 -16.62 -24.78
CA MET C 206 -1.05 -15.79 -24.61
C MET C 206 -1.19 -15.03 -25.89
N PHE C 207 -2.16 -15.45 -26.71
CA PHE C 207 -2.40 -14.83 -27.98
C PHE C 207 -3.82 -15.12 -28.26
N ASP C 208 -4.52 -14.27 -29.03
CA ASP C 208 -5.81 -14.72 -29.43
C ASP C 208 -5.57 -15.95 -30.25
N ASP C 209 -6.17 -17.07 -29.86
CA ASP C 209 -5.96 -18.24 -30.65
C ASP C 209 -6.80 -18.04 -31.86
N PRO C 210 -6.26 -18.18 -33.04
CA PRO C 210 -6.99 -17.84 -34.22
C PRO C 210 -8.18 -18.73 -34.27
N ARG C 211 -8.10 -19.91 -33.63
CA ARG C 211 -9.23 -20.79 -33.58
C ARG C 211 -10.29 -20.09 -32.79
N ASN C 212 -9.90 -19.46 -31.67
CA ASN C 212 -10.88 -18.83 -30.85
C ASN C 212 -11.20 -17.52 -31.48
N LYS C 213 -12.51 -17.23 -31.63
CA LYS C 213 -12.92 -16.04 -32.30
C LYS C 213 -12.48 -14.88 -31.46
N ARG C 214 -12.69 -14.97 -30.14
CA ARG C 214 -12.56 -13.80 -29.34
C ARG C 214 -11.55 -14.05 -28.28
N GLY C 215 -11.17 -12.97 -27.57
CA GLY C 215 -10.48 -13.12 -26.33
C GLY C 215 -9.08 -13.52 -26.61
N VAL C 216 -8.33 -13.81 -25.54
CA VAL C 216 -6.99 -14.29 -25.65
C VAL C 216 -7.02 -15.74 -25.32
N ILE C 217 -6.23 -16.53 -26.06
CA ILE C 217 -6.31 -17.94 -25.92
C ILE C 217 -4.95 -18.42 -25.58
N ILE C 218 -4.89 -19.53 -24.80
CA ILE C 218 -3.60 -20.03 -24.46
C ILE C 218 -3.40 -21.28 -25.26
N LYS C 219 -2.33 -21.33 -26.05
CA LYS C 219 -2.14 -22.48 -26.86
C LYS C 219 -0.75 -22.95 -26.65
N GLY C 220 -0.41 -24.10 -27.26
CA GLY C 220 0.92 -24.60 -27.18
C GLY C 220 1.02 -25.37 -25.91
N LEU C 221 -0.13 -25.56 -25.23
CA LEU C 221 -0.11 -26.26 -23.98
C LEU C 221 0.32 -27.65 -24.27
N GLU C 222 1.20 -28.21 -23.43
CA GLU C 222 1.57 -29.57 -23.63
C GLU C 222 0.75 -30.37 -22.68
N GLU C 223 -0.08 -31.28 -23.20
CA GLU C 223 -0.83 -32.14 -22.35
C GLU C 223 -0.61 -33.53 -22.86
N ILE C 224 -0.81 -34.52 -21.99
CA ILE C 224 -0.80 -35.86 -22.47
C ILE C 224 -2.21 -36.32 -22.37
N THR C 225 -2.80 -36.77 -23.49
CA THR C 225 -4.18 -37.11 -23.47
C THR C 225 -4.30 -38.46 -22.86
N VAL C 226 -5.51 -38.76 -22.34
CA VAL C 226 -5.76 -40.08 -21.84
C VAL C 226 -6.80 -40.66 -22.73
N HIS C 227 -6.70 -41.97 -22.97
CA HIS C 227 -7.57 -42.57 -23.93
C HIS C 227 -8.98 -42.40 -23.47
N ASN C 228 -9.24 -42.77 -22.20
CA ASN C 228 -10.61 -42.90 -21.79
C ASN C 228 -10.82 -42.13 -20.53
N LYS C 229 -12.11 -41.87 -20.22
CA LYS C 229 -12.49 -41.21 -19.01
C LYS C 229 -12.08 -42.09 -17.88
N ASP C 230 -12.25 -43.41 -18.06
CA ASP C 230 -11.81 -44.33 -17.06
C ASP C 230 -10.35 -44.12 -16.92
N GLU C 231 -9.66 -43.92 -18.05
CA GLU C 231 -8.26 -43.67 -18.03
C GLU C 231 -8.08 -42.44 -17.21
N VAL C 232 -9.01 -41.48 -17.39
CA VAL C 232 -8.94 -40.25 -16.68
C VAL C 232 -9.01 -40.57 -15.24
N TYR C 233 -9.87 -41.54 -14.86
CA TYR C 233 -10.05 -41.81 -13.47
C TYR C 233 -8.72 -42.23 -12.91
N GLN C 234 -8.06 -43.20 -13.57
CA GLN C 234 -6.82 -43.70 -13.03
C GLN C 234 -5.81 -42.60 -13.09
N ILE C 235 -5.78 -41.88 -14.22
CA ILE C 235 -4.73 -40.93 -14.44
C ILE C 235 -4.86 -39.88 -13.39
N LEU C 236 -6.11 -39.46 -13.12
CA LEU C 236 -6.36 -38.35 -12.25
C LEU C 236 -5.75 -38.71 -10.95
N GLU C 237 -5.88 -39.99 -10.55
CA GLU C 237 -5.37 -40.42 -9.28
C GLU C 237 -3.91 -40.14 -9.29
N LYS C 238 -3.25 -40.47 -10.42
CA LYS C 238 -1.85 -40.23 -10.52
C LYS C 238 -1.62 -38.77 -10.44
N GLY C 239 -2.46 -38.00 -11.15
CA GLY C 239 -2.25 -36.59 -11.29
C GLY C 239 -2.34 -35.96 -9.94
N ALA C 240 -3.28 -36.44 -9.11
CA ALA C 240 -3.52 -35.82 -7.85
C ALA C 240 -2.26 -35.92 -7.08
N ALA C 241 -1.60 -37.09 -7.14
CA ALA C 241 -0.41 -37.28 -6.37
C ALA C 241 0.57 -36.25 -6.84
N LYS C 242 0.65 -36.06 -8.16
CA LYS C 242 1.59 -35.12 -8.69
C LYS C 242 1.23 -33.77 -8.17
N ARG C 243 -0.08 -33.43 -8.22
CA ARG C 243 -0.49 -32.11 -7.88
C ARG C 243 -0.38 -31.95 -6.40
N THR C 244 -0.04 -30.73 -5.97
CA THR C 244 -0.01 -30.42 -4.58
C THR C 244 -0.66 -29.09 -4.43
N THR C 245 -1.13 -28.79 -3.21
CA THR C 245 -1.63 -27.49 -2.93
C THR C 245 -0.79 -26.95 -1.83
N ALA C 246 -0.69 -25.61 -1.73
CA ALA C 246 0.05 -25.08 -0.62
C ALA C 246 -0.68 -25.52 0.60
N ALA C 247 0.07 -25.94 1.63
CA ALA C 247 -0.60 -26.47 2.78
C ALA C 247 -1.20 -25.33 3.49
N THR C 248 -2.38 -25.54 4.10
CA THR C 248 -2.93 -24.52 4.93
C THR C 248 -3.19 -25.12 6.27
N LEU C 249 -2.83 -24.39 7.33
CA LEU C 249 -3.14 -24.85 8.64
C LEU C 249 -4.63 -24.85 8.75
N MET C 250 -5.28 -23.80 8.24
CA MET C 250 -6.70 -23.68 8.41
C MET C 250 -7.31 -24.88 7.76
N ASN C 251 -6.90 -25.19 6.51
CA ASN C 251 -7.31 -26.42 5.93
C ASN C 251 -6.12 -26.99 5.24
N ALA C 252 -5.76 -28.24 5.60
CA ALA C 252 -4.84 -28.96 4.77
C ALA C 252 -5.53 -29.10 3.46
N TYR C 253 -6.85 -29.38 3.56
CA TYR C 253 -7.69 -29.59 2.43
C TYR C 253 -7.66 -28.35 1.61
N SER C 254 -7.80 -27.17 2.26
CA SER C 254 -7.88 -25.99 1.49
C SER C 254 -6.58 -25.84 0.78
N SER C 255 -6.62 -25.48 -0.52
CA SER C 255 -5.40 -25.14 -1.17
C SER C 255 -5.07 -23.77 -0.75
N ARG C 256 -3.81 -23.55 -0.30
CA ARG C 256 -3.45 -22.21 0.07
C ARG C 256 -3.50 -21.37 -1.16
N SER C 257 -2.90 -21.87 -2.26
CA SER C 257 -2.84 -21.11 -3.48
C SER C 257 -4.14 -21.28 -4.18
N HIS C 258 -4.38 -20.47 -5.21
CA HIS C 258 -5.58 -20.67 -6.01
C HIS C 258 -5.27 -21.90 -6.86
N SER C 259 -6.14 -22.89 -6.82
CA SER C 259 -5.94 -24.11 -7.58
C SER C 259 -6.71 -24.04 -8.89
N VAL C 260 -6.05 -24.41 -9.99
CA VAL C 260 -6.69 -24.39 -11.30
C VAL C 260 -6.51 -25.73 -12.01
N PHE C 261 -7.59 -26.50 -12.06
CA PHE C 261 -7.58 -27.80 -12.69
C PHE C 261 -8.30 -27.72 -14.04
N SER C 262 -7.57 -27.97 -15.12
CA SER C 262 -8.17 -27.88 -16.45
C SER C 262 -8.20 -29.19 -17.22
N VAL C 263 -9.38 -29.49 -17.77
CA VAL C 263 -9.60 -30.69 -18.57
C VAL C 263 -9.93 -30.27 -19.98
N THR C 264 -9.09 -30.65 -20.92
CA THR C 264 -9.30 -30.32 -22.32
C THR C 264 -9.72 -31.57 -23.06
N ILE C 265 -10.83 -31.48 -23.78
CA ILE C 265 -11.33 -32.62 -24.52
C ILE C 265 -11.40 -32.40 -26.03
N HIS C 266 -10.60 -33.15 -26.77
CA HIS C 266 -10.59 -33.09 -28.22
C HIS C 266 -11.60 -34.11 -28.71
N MET C 267 -12.57 -33.65 -29.49
CA MET C 267 -13.59 -34.54 -30.01
C MET C 267 -13.70 -34.46 -31.53
N LYS C 268 -13.76 -35.63 -32.17
CA LYS C 268 -13.89 -35.72 -33.62
C LYS C 268 -14.90 -36.80 -33.97
N GLU C 269 -15.96 -36.41 -34.69
CA GLU C 269 -16.97 -37.36 -35.08
C GLU C 269 -17.34 -37.20 -36.56
N THR C 270 -18.00 -38.22 -37.10
CA THR C 270 -18.43 -38.17 -38.49
C THR C 270 -19.93 -38.36 -38.51
N THR C 271 -20.66 -37.35 -39.01
CA THR C 271 -22.06 -37.24 -38.73
C THR C 271 -22.80 -38.16 -39.64
N ILE C 272 -24.15 -38.13 -39.56
CA ILE C 272 -24.97 -38.90 -40.44
C ILE C 272 -24.69 -38.38 -41.81
N ASP C 273 -24.54 -37.05 -41.90
CA ASP C 273 -24.16 -36.43 -43.13
C ASP C 273 -22.87 -37.04 -43.50
N GLY C 274 -22.04 -37.33 -42.49
CA GLY C 274 -20.76 -37.90 -42.74
C GLY C 274 -19.79 -36.78 -42.75
N GLU C 275 -20.30 -35.56 -42.52
CA GLU C 275 -19.40 -34.47 -42.39
C GLU C 275 -18.60 -34.79 -41.17
N GLU C 276 -17.28 -34.61 -41.26
CA GLU C 276 -16.43 -34.82 -40.09
C GLU C 276 -16.29 -33.52 -39.32
N LEU C 277 -16.79 -33.48 -38.09
CA LEU C 277 -16.68 -32.27 -37.29
C LEU C 277 -15.77 -32.45 -36.09
N VAL C 278 -14.90 -31.46 -35.92
CA VAL C 278 -13.92 -31.46 -34.84
C VAL C 278 -14.19 -30.32 -33.89
N LYS C 279 -14.44 -30.64 -32.63
CA LYS C 279 -14.68 -29.61 -31.64
C LYS C 279 -13.81 -29.87 -30.42
N ILE C 280 -13.53 -28.81 -29.68
CA ILE C 280 -12.70 -28.90 -28.50
C ILE C 280 -13.46 -28.30 -27.33
N GLY C 281 -13.58 -29.07 -26.26
CA GLY C 281 -14.27 -28.60 -25.08
C GLY C 281 -13.24 -28.44 -23.98
N LYS C 282 -13.47 -27.50 -23.08
CA LYS C 282 -12.52 -27.30 -22.01
C LYS C 282 -13.25 -26.90 -20.74
N LEU C 283 -12.82 -27.47 -19.62
CA LEU C 283 -13.42 -27.19 -18.33
C LEU C 283 -12.37 -26.80 -17.31
N ASN C 284 -12.56 -25.62 -16.72
CA ASN C 284 -11.65 -25.13 -15.69
C ASN C 284 -12.37 -25.24 -14.34
N LEU C 285 -11.84 -26.05 -13.44
CA LEU C 285 -12.41 -26.21 -12.12
C LEU C 285 -11.44 -25.48 -11.19
N VAL C 286 -11.88 -24.33 -10.70
CA VAL C 286 -11.03 -23.49 -9.88
C VAL C 286 -11.41 -23.40 -8.42
N ASP C 287 -10.43 -23.71 -7.57
CA ASP C 287 -10.57 -23.67 -6.12
C ASP C 287 -9.74 -22.47 -5.66
N LEU C 288 -10.37 -21.31 -5.53
CA LEU C 288 -9.65 -20.14 -5.13
C LEU C 288 -9.52 -20.21 -3.65
N ALA C 289 -8.43 -19.64 -3.11
CA ALA C 289 -8.30 -19.53 -1.68
C ALA C 289 -9.24 -18.46 -1.23
N GLY C 290 -9.74 -18.59 0.01
CA GLY C 290 -10.59 -17.57 0.54
C GLY C 290 -9.71 -16.54 1.13
N SER C 291 -10.31 -15.50 1.75
CA SER C 291 -9.50 -14.53 2.41
C SER C 291 -8.88 -15.22 3.57
N GLU C 292 -7.63 -14.85 3.92
CA GLU C 292 -7.03 -15.46 5.06
C GLU C 292 -6.29 -14.40 5.80
N ASN C 293 -6.18 -14.56 7.13
CA ASN C 293 -5.23 -13.76 7.85
C ASN C 293 -4.21 -14.72 8.34
N ILE C 294 -2.96 -14.24 8.52
CA ILE C 294 -1.89 -15.16 8.70
C ILE C 294 -2.14 -15.92 9.96
N GLY C 295 -2.53 -15.22 11.04
CA GLY C 295 -2.64 -15.89 12.30
C GLY C 295 -3.68 -16.95 12.16
N ARG C 296 -4.83 -16.59 11.58
CA ARG C 296 -5.91 -17.53 11.47
C ARG C 296 -5.43 -18.66 10.63
N SER C 297 -4.77 -18.31 9.51
CA SER C 297 -4.39 -19.30 8.57
C SER C 297 -3.48 -20.27 9.24
N GLY C 298 -2.46 -19.73 9.94
CA GLY C 298 -1.46 -20.59 10.49
C GLY C 298 -0.57 -20.97 9.35
N ALA C 299 -0.76 -20.26 8.22
CA ALA C 299 -0.03 -20.56 7.02
C ALA C 299 1.37 -20.09 7.18
N VAL C 300 2.28 -20.68 6.38
CA VAL C 300 3.63 -20.22 6.33
C VAL C 300 3.62 -18.87 5.69
N ASP C 301 4.66 -18.07 5.96
CA ASP C 301 4.70 -16.71 5.49
C ASP C 301 4.63 -16.77 4.00
N LYS C 302 5.34 -17.74 3.42
CA LYS C 302 5.32 -17.87 1.99
C LYS C 302 3.91 -18.15 1.62
N ARG C 303 3.22 -18.97 2.43
CA ARG C 303 1.86 -19.27 2.14
C ARG C 303 1.13 -17.97 2.16
N ALA C 304 1.51 -17.10 3.12
CA ALA C 304 0.88 -15.83 3.27
C ALA C 304 1.11 -15.08 2.00
N ARG C 305 2.33 -15.19 1.45
CA ARG C 305 2.65 -14.49 0.26
C ARG C 305 1.69 -14.97 -0.78
N GLU C 306 1.43 -16.29 -0.77
CA GLU C 306 0.47 -16.82 -1.68
C GLU C 306 -0.83 -16.17 -1.37
N ALA C 307 -1.13 -16.01 -0.08
CA ALA C 307 -2.40 -15.51 0.36
C ALA C 307 -2.57 -14.12 -0.17
N GLY C 308 -1.49 -13.32 -0.16
CA GLY C 308 -1.62 -11.97 -0.63
C GLY C 308 -2.05 -12.04 -2.05
N ASN C 309 -1.46 -12.98 -2.79
CA ASN C 309 -1.87 -13.18 -4.14
C ASN C 309 -3.30 -13.56 -4.09
N ILE C 310 -3.65 -14.42 -3.10
CA ILE C 310 -4.95 -15.00 -3.07
C ILE C 310 -5.95 -13.91 -2.96
N ASN C 311 -5.75 -12.98 -2.01
CA ASN C 311 -6.69 -11.94 -1.83
C ASN C 311 -6.69 -11.11 -3.06
N GLN C 312 -5.48 -10.89 -3.61
CA GLN C 312 -5.35 -9.98 -4.70
C GLN C 312 -6.16 -10.50 -5.83
N SER C 313 -6.10 -11.81 -6.06
CA SER C 313 -6.70 -12.35 -7.24
C SER C 313 -8.16 -12.07 -7.16
N LEU C 314 -8.77 -12.44 -6.03
CA LEU C 314 -10.18 -12.33 -5.89
C LEU C 314 -10.52 -10.88 -6.02
N LEU C 315 -9.73 -10.02 -5.36
CA LEU C 315 -10.07 -8.62 -5.37
C LEU C 315 -10.02 -8.17 -6.78
N THR C 316 -9.01 -8.64 -7.52
CA THR C 316 -8.83 -8.23 -8.88
C THR C 316 -10.09 -8.59 -9.59
N LEU C 317 -10.53 -9.84 -9.34
CA LEU C 317 -11.68 -10.37 -9.98
C LEU C 317 -12.83 -9.48 -9.59
N GLY C 318 -12.85 -8.97 -8.32
CA GLY C 318 -13.93 -8.17 -7.77
C GLY C 318 -13.90 -6.97 -8.63
N ARG C 319 -12.66 -6.66 -9.00
CA ARG C 319 -12.45 -5.41 -9.61
C ARG C 319 -13.20 -5.45 -10.93
N VAL C 320 -13.28 -6.65 -11.57
CA VAL C 320 -13.63 -6.74 -12.98
C VAL C 320 -15.01 -6.22 -13.34
N ILE C 321 -16.02 -6.38 -12.47
CA ILE C 321 -17.37 -5.96 -12.70
C ILE C 321 -17.59 -4.47 -12.71
N THR C 322 -16.90 -3.76 -11.77
CA THR C 322 -16.74 -2.35 -11.47
C THR C 322 -15.89 -1.67 -12.48
N ALA C 323 -14.94 -2.44 -13.02
CA ALA C 323 -14.10 -1.91 -14.04
C ALA C 323 -14.89 -1.99 -15.28
N LEU C 324 -15.80 -3.00 -15.25
CA LEU C 324 -16.26 -3.73 -16.38
C LEU C 324 -16.87 -2.66 -17.21
N VAL C 325 -17.54 -1.69 -16.55
CA VAL C 325 -18.55 -0.84 -17.17
C VAL C 325 -18.05 0.03 -18.29
N GLU C 326 -16.83 0.60 -18.21
CA GLU C 326 -16.46 1.65 -19.12
C GLU C 326 -16.44 1.10 -20.51
N ARG C 327 -15.65 0.02 -20.65
CA ARG C 327 -15.53 -0.83 -21.81
C ARG C 327 -14.84 -0.14 -22.94
N THR C 328 -14.62 1.17 -22.92
CA THR C 328 -13.88 1.61 -24.05
C THR C 328 -12.90 2.62 -23.57
N PRO C 329 -12.02 2.83 -24.44
CA PRO C 329 -11.36 1.69 -25.02
C PRO C 329 -10.52 0.83 -24.01
N HIS C 330 -9.45 1.38 -23.30
CA HIS C 330 -8.21 1.12 -22.42
C HIS C 330 -8.73 -0.34 -21.97
N VAL C 331 -8.85 -1.36 -22.84
CA VAL C 331 -9.81 -2.44 -22.61
C VAL C 331 -9.39 -3.25 -21.47
N PRO C 332 -10.20 -3.14 -20.44
CA PRO C 332 -9.82 -3.19 -19.04
C PRO C 332 -9.49 -4.58 -18.57
N TYR C 333 -9.74 -5.58 -19.44
CA TYR C 333 -9.79 -7.03 -19.30
C TYR C 333 -8.55 -7.80 -19.20
N ARG C 334 -7.70 -7.66 -20.23
CA ARG C 334 -6.88 -8.81 -20.46
C ARG C 334 -5.76 -8.89 -19.50
N GLU C 335 -5.42 -7.71 -18.92
CA GLU C 335 -4.10 -7.42 -18.42
C GLU C 335 -3.67 -8.46 -17.44
N SER C 336 -4.53 -8.84 -16.47
CA SER C 336 -4.06 -9.81 -15.53
C SER C 336 -4.08 -11.15 -16.20
N LYS C 337 -3.27 -12.12 -15.72
CA LYS C 337 -3.33 -13.43 -16.29
C LYS C 337 -4.67 -14.02 -15.96
N LEU C 338 -5.05 -13.92 -14.68
CA LEU C 338 -6.27 -14.46 -14.15
C LEU C 338 -7.38 -13.77 -14.86
N THR C 339 -7.29 -12.43 -14.95
CA THR C 339 -8.34 -11.70 -15.59
C THR C 339 -8.36 -12.13 -17.01
N ARG C 340 -7.17 -12.38 -17.57
CA ARG C 340 -7.05 -12.75 -18.94
C ARG C 340 -7.77 -14.04 -19.16
N ILE C 341 -7.58 -15.01 -18.26
CA ILE C 341 -8.29 -16.24 -18.41
C ILE C 341 -9.72 -15.88 -18.24
N LEU C 342 -9.98 -14.96 -17.30
CA LEU C 342 -11.30 -14.65 -16.86
C LEU C 342 -12.07 -14.14 -18.03
N GLN C 343 -11.44 -13.31 -18.87
CA GLN C 343 -12.18 -12.67 -19.90
C GLN C 343 -12.73 -13.74 -20.77
N ASP C 344 -11.89 -14.74 -21.08
CA ASP C 344 -12.40 -15.84 -21.83
C ASP C 344 -13.43 -16.50 -21.00
N SER C 345 -13.15 -16.63 -19.68
CA SER C 345 -14.01 -17.41 -18.83
C SER C 345 -15.39 -16.86 -18.91
N LEU C 346 -15.59 -15.59 -18.51
CA LEU C 346 -16.88 -15.01 -18.60
C LEU C 346 -16.78 -13.89 -19.57
N GLY C 347 -17.80 -13.74 -20.43
CA GLY C 347 -17.72 -12.71 -21.42
C GLY C 347 -16.64 -13.12 -22.34
N GLY C 348 -16.40 -14.44 -22.41
CA GLY C 348 -15.30 -14.90 -23.19
C GLY C 348 -15.73 -16.16 -23.87
N ARG C 349 -14.79 -16.73 -24.64
CA ARG C 349 -15.05 -17.86 -25.46
C ARG C 349 -15.47 -18.96 -24.56
N THR C 350 -14.74 -19.13 -23.44
CA THR C 350 -15.06 -20.21 -22.56
C THR C 350 -16.28 -19.80 -21.81
N ARG C 351 -17.04 -20.80 -21.31
CA ARG C 351 -18.23 -20.51 -20.58
C ARG C 351 -18.02 -21.07 -19.22
N THR C 352 -18.46 -20.34 -18.18
CA THR C 352 -18.34 -20.85 -16.85
C THR C 352 -19.65 -20.65 -16.18
N SER C 353 -19.91 -21.42 -15.11
CA SER C 353 -21.08 -21.19 -14.32
C SER C 353 -20.60 -21.08 -12.91
N ILE C 354 -21.40 -20.45 -12.03
CA ILE C 354 -20.90 -20.24 -10.71
C ILE C 354 -21.78 -20.95 -9.75
N ILE C 355 -21.17 -21.76 -8.87
CA ILE C 355 -21.89 -22.29 -7.75
C ILE C 355 -21.11 -21.88 -6.55
N ALA C 356 -21.81 -21.46 -5.48
CA ALA C 356 -21.09 -21.03 -4.32
C ALA C 356 -21.45 -21.93 -3.18
N THR C 357 -20.43 -22.30 -2.38
CA THR C 357 -20.69 -22.97 -1.14
C THR C 357 -20.07 -22.12 -0.09
N ILE C 358 -20.67 -22.09 1.10
CA ILE C 358 -20.23 -21.14 2.07
C ILE C 358 -19.90 -21.87 3.33
N SER C 359 -19.00 -21.28 4.13
CA SER C 359 -18.75 -21.81 5.43
C SER C 359 -19.59 -21.04 6.39
N PRO C 360 -20.11 -21.76 7.33
CA PRO C 360 -21.14 -21.25 8.18
C PRO C 360 -20.60 -20.13 8.99
N ALA C 361 -19.25 -20.04 9.11
CA ALA C 361 -18.69 -19.11 10.04
C ALA C 361 -19.08 -17.75 9.59
N SER C 362 -19.57 -16.93 10.53
CA SER C 362 -19.88 -15.55 10.28
C SER C 362 -18.59 -14.81 10.22
N LEU C 363 -17.51 -15.46 10.70
CA LEU C 363 -16.39 -14.75 11.22
C LEU C 363 -15.84 -13.87 10.14
N ASN C 364 -15.64 -14.41 8.93
CA ASN C 364 -15.19 -13.54 7.90
C ASN C 364 -16.41 -12.84 7.42
N LEU C 365 -16.91 -11.88 8.22
CA LEU C 365 -18.09 -11.18 7.82
C LEU C 365 -17.76 -10.33 6.63
N GLU C 366 -16.65 -9.56 6.72
CA GLU C 366 -16.37 -8.66 5.64
C GLU C 366 -16.12 -9.47 4.43
N GLU C 367 -15.31 -10.52 4.60
CA GLU C 367 -14.90 -11.31 3.47
C GLU C 367 -16.12 -11.98 2.90
N THR C 368 -16.97 -12.55 3.78
CA THR C 368 -18.11 -13.27 3.31
C THR C 368 -18.99 -12.30 2.58
N LEU C 369 -19.11 -11.09 3.15
CA LEU C 369 -19.93 -10.08 2.57
C LEU C 369 -19.35 -9.79 1.23
N SER C 370 -18.00 -9.73 1.18
CA SER C 370 -17.33 -9.45 -0.05
C SER C 370 -17.71 -10.53 -0.99
N THR C 371 -17.76 -11.78 -0.48
CA THR C 371 -18.07 -12.89 -1.32
C THR C 371 -19.45 -12.69 -1.86
N LEU C 372 -20.40 -12.40 -0.95
CA LEU C 372 -21.77 -12.36 -1.35
C LEU C 372 -21.91 -11.26 -2.34
N GLU C 373 -21.30 -10.10 -2.03
CA GLU C 373 -21.45 -8.96 -2.88
C GLU C 373 -20.83 -9.34 -4.19
N TYR C 374 -19.70 -10.04 -4.13
CA TYR C 374 -18.94 -10.35 -5.30
C TYR C 374 -19.78 -11.21 -6.18
N ALA C 375 -20.52 -12.16 -5.57
CA ALA C 375 -21.31 -13.07 -6.35
C ALA C 375 -22.26 -12.21 -7.12
N HIS C 376 -22.82 -11.19 -6.44
CA HIS C 376 -23.70 -10.27 -7.10
C HIS C 376 -22.91 -9.57 -8.15
N ARG C 377 -21.64 -9.24 -7.85
CA ARG C 377 -20.83 -8.51 -8.78
C ARG C 377 -20.75 -9.33 -10.03
N ALA C 378 -20.56 -10.66 -9.87
CA ALA C 378 -20.42 -11.56 -10.97
C ALA C 378 -21.67 -11.47 -11.76
N LYS C 379 -22.80 -11.30 -11.05
CA LYS C 379 -24.10 -11.38 -11.64
C LYS C 379 -24.15 -10.35 -12.74
N ASN C 380 -23.49 -9.20 -12.55
CA ASN C 380 -23.65 -8.11 -13.44
C ASN C 380 -23.28 -8.57 -14.82
N ILE C 381 -22.19 -9.34 -14.95
CA ILE C 381 -21.76 -9.71 -16.27
C ILE C 381 -21.94 -11.19 -16.42
N LEU C 382 -22.57 -11.60 -17.54
CA LEU C 382 -22.80 -12.98 -17.83
C LEU C 382 -21.92 -13.32 -18.99
N ASN C 383 -21.58 -14.62 -19.14
CA ASN C 383 -20.67 -15.01 -20.17
C ASN C 383 -21.43 -15.87 -21.14
N LYS C 384 -20.97 -15.89 -22.40
CA LYS C 384 -21.61 -16.68 -23.40
C LYS C 384 -20.77 -17.88 -23.65
N PRO C 385 -21.40 -19.02 -23.60
CA PRO C 385 -20.73 -20.28 -23.76
C PRO C 385 -20.24 -20.33 -25.17
N GLU C 386 -19.11 -21.03 -25.41
CA GLU C 386 -18.66 -21.15 -26.76
C GLU C 386 -17.86 -22.41 -26.84
N VAL C 387 -17.81 -23.04 -28.03
CA VAL C 387 -16.98 -24.19 -28.18
C VAL C 387 -15.57 -23.69 -28.15
N ASN C 388 -14.66 -24.49 -27.58
CA ASN C 388 -13.30 -24.06 -27.49
C ASN C 388 -12.76 -23.99 -28.91
PG G2P D . 23.29 -2.90 -29.88
O1G G2P D . 22.50 -2.30 -30.99
O2G G2P D . 24.56 -2.14 -29.56
O3G G2P D . 23.63 -4.37 -30.12
O3B G2P D . 22.41 -2.86 -28.56
PB G2P D . 22.42 -1.86 -27.35
O1B G2P D . 23.57 -2.18 -26.44
O2B G2P D . 21.10 -2.09 -26.56
C3A G2P D . 22.30 -0.22 -28.09
PA G2P D . 21.47 1.02 -27.09
O1A G2P D . 22.20 2.28 -26.76
O2A G2P D . 21.13 0.31 -25.75
O5' G2P D . 20.11 1.26 -27.85
C5' G2P D . 20.01 2.24 -28.91
C4' G2P D . 18.78 3.08 -28.68
O4' G2P D . 18.94 3.87 -27.49
C3' G2P D . 18.47 4.07 -29.79
O3' G2P D . 17.07 4.32 -29.86
C2' G2P D . 19.25 5.31 -29.35
O2' G2P D . 18.68 6.51 -29.85
C1' G2P D . 19.08 5.24 -27.83
N9 G2P D . 20.22 5.78 -27.09
C8 G2P D . 21.53 5.38 -27.18
N7 G2P D . 22.31 5.96 -26.30
C5 G2P D . 21.47 6.80 -25.60
C6 G2P D . 21.72 7.66 -24.49
O6 G2P D . 22.78 7.81 -23.90
N1 G2P D . 20.58 8.32 -24.08
C2 G2P D . 19.34 8.19 -24.64
N2 G2P D . 18.35 8.91 -24.11
N3 G2P D . 19.10 7.38 -25.67
C4 G2P D . 20.18 6.72 -26.09
MG MG E . 25.74 -0.35 -27.27
PG GTP F . 5.93 5.81 6.96
O1G GTP F . 6.69 7.07 7.07
O2G GTP F . 6.80 4.56 6.90
O3G GTP F . 4.95 5.77 5.79
O3B GTP F . 5.04 5.63 8.27
PB GTP F . 5.02 6.56 9.57
O1B GTP F . 3.90 6.07 10.48
O2B GTP F . 6.32 6.50 10.25
O3A GTP F . 4.72 8.03 9.07
PA GTP F . 4.27 9.35 9.84
O1A GTP F . 4.32 9.03 11.32
O2A GTP F . 5.24 10.43 9.55
O5' GTP F . 2.78 9.76 9.48
C5' GTP F . 2.43 10.80 8.54
C4' GTP F . 1.28 11.61 9.11
O4' GTP F . 1.75 12.41 10.22
C3' GTP F . 0.64 12.58 8.12
O3' GTP F . -0.77 12.60 8.27
C2' GTP F . 1.26 13.93 8.50
O2' GTP F . 0.39 15.01 8.21
C1' GTP F . 1.39 13.76 10.01
N9 GTP F . 2.42 14.62 10.61
C8 GTP F . 3.56 15.06 10.01
N7 GTP F . 4.29 15.82 10.79
C5 GTP F . 3.58 15.86 11.97
C6 GTP F . 3.86 16.52 13.21
O6 GTP F . 4.85 17.20 13.47
N1 GTP F . 2.88 16.32 14.15
C2 GTP F . 1.75 15.56 13.94
N2 GTP F . 0.90 15.47 14.97
N3 GTP F . 1.48 14.93 12.80
C4 GTP F . 2.43 15.13 11.87
MG MG G . 7.53 7.13 8.99
PG ANP H . -9.55 -22.01 0.84
O1G ANP H . -10.32 -21.19 -0.20
O2G ANP H . -8.79 -21.05 1.72
O3G ANP H . -8.62 -22.97 0.14
PB ANP H . -11.32 -24.16 1.13
O1B ANP H . -12.55 -23.62 0.55
O2B ANP H . -10.55 -25.06 0.06
N3B ANP H . -10.44 -22.91 1.85
PA ANP H . -11.90 -26.31 2.34
O1A ANP H . -10.67 -27.13 2.40
O2A ANP H . -13.37 -26.87 2.51
O3A ANP H . -11.60 -24.83 2.52
O5' ANP H . -11.90 -26.15 4.07
C5' ANP H . -11.88 -27.40 4.50
C4' ANP H . -11.94 -27.92 5.87
O4' ANP H . -13.38 -27.79 6.15
C3' ANP H . -11.66 -29.29 5.30
O3' ANP H . -10.70 -30.05 6.07
C2' ANP H . -13.01 -30.01 5.14
O2' ANP H . -13.08 -31.36 5.65
C1' ANP H . -14.00 -29.08 5.85
N9 ANP H . -15.18 -29.12 5.08
C8 ANP H . -15.58 -28.29 4.05
N7 ANP H . -16.75 -28.69 3.62
C5 ANP H . -17.15 -29.76 4.33
C6 ANP H . -18.33 -30.58 4.30
N6 ANP H . -19.30 -30.39 3.35
N1 ANP H . -18.41 -31.60 5.19
C2 ANP H . -17.47 -31.82 6.11
N3 ANP H . -16.36 -31.08 6.15
C4 ANP H . -16.18 -30.03 5.31
MG MG I . -8.69 -24.95 -0.93
#